data_7XFR
#
_entry.id   7XFR
#
_cell.length_a   74.199
_cell.length_b   80.630
_cell.length_c   76.755
_cell.angle_alpha   90.000
_cell.angle_beta   97.326
_cell.angle_gamma   90.000
#
_symmetry.space_group_name_H-M   'P 1 21 1'
#
loop_
_entity.id
_entity.type
_entity.pdbx_description
1 polymer 'Isoform 2 of WD repeat domain phosphoinositide-interacting protein 2'
2 polymer 'Autophagy-related protein 16-1'
3 water water
#
loop_
_entity_poly.entity_id
_entity_poly.type
_entity_poly.pdbx_seq_one_letter_code
_entity_poly.pdbx_strand_id
1 'polypeptide(L)'
;GPGSGQLLFANFNQDNTSLAVGSKSGYKFFSLSSVDKLEQIYECTDTEDVCIVERLFSSSLVAIVSLKAPRKLKVCHFKK
GTEICNYSYSNTILAVKLNRQRLIVCLEESLYIHNIRDMKVLHTIRETPPNPAGLCALSINNDNCYLAYPGSATIGEVQV
FDTINLRAANMIPAHDSPLAALAFDASGTKLATASEKGTVIRVFSIPEGQKLFEFRRGVKRCVSICSLAFSMDGMFLSAS
SNTETVHIFKLETVKEQGRAFATVRLPFCGHKNICSLATIQKIPRLLVGAADGYLYMYNLDPQEGGECALMKQHRLDGSL
E
;
A,C
2 'polypeptide(L)' GPGSMQMNEAKIAECLQTISDLETECLDLRTKLCDLERANQTLKDEYDALQITFTALEGKLRKTTEENQ B,D
#
# COMPACT_ATOMS: atom_id res chain seq x y z
N GLY A 3 -30.42 -27.62 28.45
CA GLY A 3 -29.66 -27.46 27.23
C GLY A 3 -28.73 -26.26 27.24
N SER A 4 -28.65 -25.57 26.09
CA SER A 4 -27.81 -24.38 26.00
C SER A 4 -28.30 -23.26 26.91
N GLY A 5 -29.59 -23.22 27.23
CA GLY A 5 -30.15 -22.08 27.92
C GLY A 5 -30.33 -20.92 26.96
N GLN A 6 -30.54 -19.75 27.53
CA GLN A 6 -30.87 -18.60 26.70
C GLN A 6 -29.71 -18.25 25.77
N LEU A 7 -30.05 -17.92 24.54
CA LEU A 7 -29.09 -17.40 23.58
C LEU A 7 -28.69 -15.97 23.94
N LEU A 8 -27.38 -15.69 23.96
CA LEU A 8 -26.87 -14.36 24.26
C LEU A 8 -26.11 -13.70 23.13
N PHE A 9 -25.42 -14.47 22.30
CA PHE A 9 -24.47 -13.92 21.37
C PHE A 9 -24.32 -14.85 20.18
N ALA A 10 -24.16 -14.28 19.00
CA ALA A 10 -23.79 -15.06 17.83
C ALA A 10 -23.07 -14.15 16.86
N ASN A 11 -21.98 -14.64 16.27
CA ASN A 11 -21.30 -13.90 15.22
C ASN A 11 -20.43 -14.84 14.38
N PHE A 12 -19.97 -14.30 13.26
CA PHE A 12 -19.06 -15.00 12.37
C PHE A 12 -17.64 -14.54 12.64
N ASN A 13 -16.69 -15.43 12.41
CA ASN A 13 -15.30 -15.01 12.49
C ASN A 13 -14.91 -14.23 11.22
N GLN A 14 -13.64 -13.83 11.16
CA GLN A 14 -13.21 -12.78 10.24
C GLN A 14 -13.31 -13.17 8.77
N ASP A 15 -13.27 -14.46 8.47
CA ASP A 15 -13.41 -14.93 7.09
C ASP A 15 -14.61 -15.84 6.91
N ASN A 16 -15.57 -15.80 7.83
CA ASN A 16 -16.85 -16.51 7.71
C ASN A 16 -16.64 -18.02 7.58
N THR A 17 -15.63 -18.56 8.24
CA THR A 17 -15.43 -20.00 8.30
C THR A 17 -15.93 -20.62 9.60
N SER A 18 -16.23 -19.82 10.60
CA SER A 18 -16.70 -20.29 11.90
C SER A 18 -17.84 -19.42 12.38
N LEU A 19 -18.83 -20.04 13.02
CA LEU A 19 -19.91 -19.36 13.72
C LEU A 19 -19.71 -19.59 15.20
N ALA A 20 -19.71 -18.51 15.99
CA ALA A 20 -19.58 -18.55 17.44
C ALA A 20 -20.93 -18.24 18.09
N VAL A 21 -21.32 -19.05 19.08
CA VAL A 21 -22.60 -18.88 19.77
C VAL A 21 -22.33 -18.89 21.27
N GLY A 22 -22.72 -17.81 21.94
CA GLY A 22 -22.64 -17.73 23.39
C GLY A 22 -24.04 -17.83 23.98
N SER A 23 -24.14 -18.53 25.11
CA SER A 23 -25.41 -18.80 25.75
C SER A 23 -25.18 -18.86 27.26
N LYS A 24 -26.28 -19.10 28.00
CA LYS A 24 -26.18 -19.30 29.44
C LYS A 24 -25.18 -20.42 29.77
N SER A 25 -25.16 -21.48 28.97
CA SER A 25 -24.37 -22.67 29.32
C SER A 25 -22.89 -22.53 29.00
N GLY A 26 -22.52 -21.64 28.09
CA GLY A 26 -21.14 -21.49 27.68
C GLY A 26 -21.10 -20.97 26.24
N TYR A 27 -20.12 -21.46 25.49
CA TYR A 27 -20.05 -21.07 24.08
C TYR A 27 -19.71 -22.28 23.22
N LYS A 28 -20.04 -22.15 21.94
CA LYS A 28 -19.76 -23.15 20.94
C LYS A 28 -19.22 -22.49 19.68
N PHE A 29 -18.41 -23.25 18.94
CA PHE A 29 -18.03 -22.94 17.58
C PHE A 29 -18.63 -23.97 16.64
N PHE A 30 -19.14 -23.50 15.51
CA PHE A 30 -19.61 -24.36 14.44
C PHE A 30 -18.84 -24.06 13.15
N SER A 31 -18.55 -25.11 12.40
CA SER A 31 -17.96 -24.95 11.09
C SER A 31 -19.00 -24.44 10.09
N LEU A 32 -18.54 -23.68 9.12
CA LEU A 32 -19.40 -23.18 8.04
C LEU A 32 -18.91 -23.66 6.68
N SER A 33 -18.36 -24.86 6.64
CA SER A 33 -17.89 -25.41 5.39
C SER A 33 -18.95 -26.21 4.66
N SER A 34 -20.09 -26.47 5.30
CA SER A 34 -21.23 -27.14 4.70
C SER A 34 -22.50 -26.36 4.98
N VAL A 35 -23.44 -26.39 4.02
CA VAL A 35 -24.78 -25.88 4.30
C VAL A 35 -25.74 -26.97 4.75
N ASP A 36 -25.38 -28.24 4.60
CA ASP A 36 -26.35 -29.29 4.87
C ASP A 36 -26.50 -29.55 6.36
N LYS A 37 -25.44 -29.34 7.13
CA LYS A 37 -25.53 -29.37 8.58
C LYS A 37 -24.59 -28.33 9.16
N LEU A 38 -24.88 -27.97 10.39
CA LEU A 38 -24.10 -27.03 11.17
C LEU A 38 -23.30 -27.85 12.15
N GLU A 39 -22.05 -28.12 11.80
CA GLU A 39 -21.22 -29.08 12.52
C GLU A 39 -20.52 -28.40 13.68
N GLN A 40 -20.81 -28.85 14.90
CA GLN A 40 -20.12 -28.32 16.08
C GLN A 40 -18.68 -28.79 16.06
N ILE A 41 -17.74 -27.86 16.29
CA ILE A 41 -16.33 -28.22 16.37
C ILE A 41 -15.73 -27.96 17.74
N TYR A 42 -16.40 -27.20 18.60
CA TYR A 42 -15.94 -26.99 19.96
C TYR A 42 -17.11 -26.55 20.83
N GLU A 43 -17.07 -26.94 22.10
CA GLU A 43 -17.89 -26.32 23.12
C GLU A 43 -17.10 -26.18 24.40
N CYS A 44 -17.34 -25.08 25.13
CA CYS A 44 -16.78 -24.89 26.46
C CYS A 44 -17.89 -24.41 27.39
N THR A 45 -18.09 -25.14 28.49
CA THR A 45 -19.05 -24.78 29.51
C THR A 45 -18.39 -24.26 30.78
N ASP A 46 -17.10 -23.96 30.73
CA ASP A 46 -16.36 -23.56 31.92
C ASP A 46 -16.76 -22.19 32.41
N THR A 47 -17.28 -21.35 31.53
CA THR A 47 -17.76 -20.01 31.86
C THR A 47 -19.21 -19.91 31.40
N GLU A 48 -20.09 -19.55 32.31
CA GLU A 48 -21.50 -19.42 31.94
C GLU A 48 -21.82 -18.01 31.49
N ASP A 49 -22.97 -17.85 30.84
CA ASP A 49 -23.48 -16.53 30.46
C ASP A 49 -22.49 -15.79 29.56
N VAL A 50 -22.04 -16.47 28.51
CA VAL A 50 -21.03 -15.91 27.60
C VAL A 50 -21.73 -14.95 26.65
N CYS A 51 -21.44 -13.65 26.79
CA CYS A 51 -22.08 -12.60 26.02
C CYS A 51 -21.21 -12.07 24.90
N ILE A 52 -19.92 -12.40 24.88
CA ILE A 52 -19.03 -12.02 23.78
C ILE A 52 -18.08 -13.19 23.56
N VAL A 53 -17.94 -13.59 22.29
CA VAL A 53 -16.93 -14.54 21.84
C VAL A 53 -16.26 -13.93 20.61
N GLU A 54 -14.95 -13.85 20.62
CA GLU A 54 -14.21 -13.37 19.45
C GLU A 54 -13.04 -14.32 19.22
N ARG A 55 -13.04 -14.98 18.07
CA ARG A 55 -11.97 -15.90 17.68
C ARG A 55 -10.94 -15.18 16.82
N LEU A 56 -9.70 -15.66 16.87
CA LEU A 56 -8.70 -15.22 15.90
C LEU A 56 -8.78 -16.18 14.70
N PHE A 57 -9.57 -15.79 13.70
CA PHE A 57 -9.81 -16.58 12.48
C PHE A 57 -10.19 -18.00 12.90
N SER A 58 -9.51 -19.04 12.40
CA SER A 58 -9.81 -20.41 12.76
C SER A 58 -8.78 -21.00 13.71
N SER A 59 -8.01 -20.14 14.36
CA SER A 59 -7.00 -20.62 15.30
C SER A 59 -7.62 -20.97 16.62
N SER A 60 -6.78 -21.37 17.56
CA SER A 60 -7.24 -21.74 18.88
C SER A 60 -7.28 -20.55 19.85
N LEU A 61 -6.93 -19.34 19.41
CA LEU A 61 -7.02 -18.18 20.29
C LEU A 61 -8.44 -17.65 20.33
N VAL A 62 -8.98 -17.48 21.54
CA VAL A 62 -10.33 -16.95 21.70
C VAL A 62 -10.36 -15.96 22.85
N ALA A 63 -11.21 -14.94 22.70
CA ALA A 63 -11.48 -13.99 23.76
C ALA A 63 -12.96 -14.04 24.11
N ILE A 64 -13.23 -14.03 25.42
CA ILE A 64 -14.53 -14.31 26.01
C ILE A 64 -14.86 -13.22 27.02
N VAL A 65 -16.15 -12.87 27.12
CA VAL A 65 -16.68 -12.05 28.20
C VAL A 65 -17.95 -12.73 28.70
N SER A 66 -18.13 -12.73 30.00
CA SER A 66 -19.29 -13.29 30.68
C SER A 66 -20.12 -12.18 31.31
N LEU A 67 -21.45 -12.36 31.31
CA LEU A 67 -22.31 -11.45 32.04
C LEU A 67 -22.04 -11.47 33.54
N LYS A 68 -21.42 -12.53 34.06
CA LYS A 68 -21.10 -12.58 35.47
C LYS A 68 -19.99 -11.61 35.83
N ALA A 69 -19.24 -11.13 34.84
CA ALA A 69 -18.15 -10.17 35.06
C ALA A 69 -17.99 -9.36 33.79
N PRO A 70 -18.94 -8.46 33.52
CA PRO A 70 -19.06 -7.90 32.17
C PRO A 70 -17.97 -6.89 31.84
N ARG A 71 -17.08 -6.56 32.79
CA ARG A 71 -15.94 -5.69 32.54
C ARG A 71 -14.64 -6.47 32.34
N LYS A 72 -14.71 -7.80 32.32
CA LYS A 72 -13.51 -8.63 32.32
C LYS A 72 -13.38 -9.40 31.02
N LEU A 73 -12.21 -9.32 30.40
CA LEU A 73 -11.93 -10.05 29.19
C LEU A 73 -11.00 -11.17 29.49
N LYS A 74 -11.33 -12.35 29.04
CA LYS A 74 -10.49 -13.50 29.24
C LYS A 74 -10.05 -14.01 27.89
N VAL A 75 -8.75 -14.12 27.68
CA VAL A 75 -8.22 -14.63 26.43
C VAL A 75 -7.58 -15.99 26.67
N CYS A 76 -7.88 -16.94 25.81
CA CYS A 76 -7.34 -18.31 26.02
CA CYS A 76 -7.37 -18.32 26.01
C CYS A 76 -7.00 -19.12 24.74
N HIS A 77 -6.27 -20.20 24.92
CA HIS A 77 -5.96 -21.07 23.80
C HIS A 77 -6.93 -22.15 24.14
N PHE A 78 -7.99 -22.28 23.36
CA PHE A 78 -9.05 -23.20 23.76
C PHE A 78 -8.77 -24.68 23.57
N LYS A 79 -7.82 -25.02 22.74
CA LYS A 79 -7.48 -26.44 22.59
C LYS A 79 -6.63 -26.92 23.75
N LYS A 80 -5.74 -26.07 24.27
CA LYS A 80 -4.91 -26.42 25.42
C LYS A 80 -5.50 -25.98 26.75
N GLY A 81 -6.46 -25.06 26.76
CA GLY A 81 -6.98 -24.49 27.99
C GLY A 81 -6.13 -23.41 28.62
N THR A 82 -4.91 -23.19 28.13
CA THR A 82 -4.00 -22.23 28.75
C THR A 82 -4.59 -20.82 28.73
N GLU A 83 -4.69 -20.20 29.91
CA GLU A 83 -5.13 -18.82 29.99
C GLU A 83 -3.99 -17.92 29.52
N ILE A 84 -4.29 -17.06 28.56
CA ILE A 84 -3.28 -16.14 28.07
C ILE A 84 -3.28 -14.86 28.88
N CYS A 85 -4.46 -14.36 29.22
CA CYS A 85 -4.52 -13.07 29.89
C CYS A 85 -5.95 -12.80 30.33
N ASN A 86 -6.08 -11.97 31.36
CA ASN A 86 -7.37 -11.53 31.86
CA ASN A 86 -7.37 -11.53 31.88
C ASN A 86 -7.21 -10.06 32.23
N TYR A 87 -8.00 -9.20 31.59
CA TYR A 87 -7.89 -7.76 31.76
CA TYR A 87 -7.90 -7.76 31.74
C TYR A 87 -9.27 -7.24 32.17
N SER A 88 -9.30 -6.36 33.16
CA SER A 88 -10.55 -5.76 33.61
C SER A 88 -10.54 -4.28 33.29
N TYR A 89 -11.65 -3.79 32.74
CA TYR A 89 -11.81 -2.42 32.29
C TYR A 89 -12.74 -1.67 33.24
N SER A 90 -12.76 -0.35 33.07
CA SER A 90 -13.50 0.54 33.94
C SER A 90 -15.00 0.55 33.69
N ASN A 91 -15.47 -0.06 32.61
CA ASN A 91 -16.89 -0.14 32.32
C ASN A 91 -17.17 -1.41 31.54
N THR A 92 -18.45 -1.64 31.27
CA THR A 92 -18.89 -2.81 30.53
C THR A 92 -18.22 -2.90 29.17
N ILE A 93 -17.74 -4.10 28.83
CA ILE A 93 -17.16 -4.32 27.51
C ILE A 93 -18.29 -4.43 26.50
N LEU A 94 -18.24 -3.61 25.45
CA LEU A 94 -19.29 -3.60 24.45
C LEU A 94 -18.92 -4.34 23.19
N ALA A 95 -17.63 -4.37 22.84
CA ALA A 95 -17.17 -5.11 21.68
C ALA A 95 -15.72 -5.51 21.89
N VAL A 96 -15.36 -6.63 21.28
CA VAL A 96 -14.00 -7.12 21.29
C VAL A 96 -13.70 -7.53 19.85
N LYS A 97 -12.66 -6.95 19.26
CA LYS A 97 -12.30 -7.26 17.89
C LYS A 97 -10.84 -7.65 17.77
N LEU A 98 -10.59 -8.62 16.92
CA LEU A 98 -9.25 -9.11 16.74
C LEU A 98 -8.78 -9.14 15.32
N ASN A 99 -7.50 -8.89 15.12
CA ASN A 99 -6.91 -9.10 13.81
C ASN A 99 -5.55 -9.74 14.10
N ARG A 100 -4.73 -9.91 13.09
CA ARG A 100 -3.46 -10.63 13.29
C ARG A 100 -2.38 -9.82 14.00
N GLN A 101 -2.67 -8.56 14.29
CA GLN A 101 -1.73 -7.69 14.96
C GLN A 101 -2.27 -7.07 16.25
N ARG A 102 -3.59 -7.05 16.42
CA ARG A 102 -4.21 -6.18 17.41
C ARG A 102 -5.45 -6.84 18.02
N LEU A 103 -5.73 -6.44 19.26
CA LEU A 103 -6.95 -6.84 19.94
C LEU A 103 -7.53 -5.51 20.43
N ILE A 104 -8.75 -5.20 20.04
CA ILE A 104 -9.39 -3.96 20.41
C ILE A 104 -10.55 -4.20 21.34
N VAL A 105 -10.68 -3.35 22.35
CA VAL A 105 -11.80 -3.43 23.26
C VAL A 105 -12.55 -2.10 23.24
N CYS A 106 -13.84 -2.15 22.99
CA CYS A 106 -14.68 -0.97 22.93
C CYS A 106 -15.52 -0.87 24.19
N LEU A 107 -15.36 0.25 24.92
CA LEU A 107 -16.24 0.70 25.98
C LEU A 107 -17.11 1.84 25.46
N GLU A 108 -18.09 2.26 26.28
CA GLU A 108 -18.96 3.35 25.83
C GLU A 108 -18.16 4.63 25.51
N GLU A 109 -17.15 4.95 26.31
CA GLU A 109 -16.43 6.21 26.14
C GLU A 109 -14.93 6.06 25.97
N SER A 110 -14.44 4.85 25.72
CA SER A 110 -13.03 4.66 25.42
C SER A 110 -12.84 3.39 24.60
N LEU A 111 -11.71 3.36 23.89
CA LEU A 111 -11.30 2.22 23.11
C LEU A 111 -9.86 1.87 23.47
N TYR A 112 -9.58 0.57 23.60
CA TYR A 112 -8.27 0.09 24.03
C TYR A 112 -7.67 -0.71 22.88
N ILE A 113 -6.47 -0.33 22.49
CA ILE A 113 -5.77 -1.00 21.39
C ILE A 113 -4.63 -1.78 22.02
N HIS A 114 -4.72 -3.11 21.98
CA HIS A 114 -3.72 -4.00 22.54
C HIS A 114 -2.87 -4.61 21.43
N ASN A 115 -1.60 -4.80 21.72
CA ASN A 115 -0.73 -5.62 20.90
C ASN A 115 -1.14 -7.08 21.08
N ILE A 116 -1.49 -7.75 19.99
CA ILE A 116 -1.95 -9.14 20.16
C ILE A 116 -0.78 -10.03 20.59
N ARG A 117 0.43 -9.64 20.26
CA ARG A 117 1.59 -10.52 20.55
CA ARG A 117 1.59 -10.56 20.57
C ARG A 117 1.80 -10.76 22.09
N ASP A 118 1.59 -9.72 22.86
CA ASP A 118 1.79 -9.80 24.31
C ASP A 118 0.61 -9.27 25.09
N MET A 119 -0.48 -8.88 24.43
CA MET A 119 -1.70 -8.32 25.01
C MET A 119 -1.48 -7.04 25.80
N LYS A 120 -0.37 -6.35 25.61
CA LYS A 120 -0.14 -5.08 26.27
C LYS A 120 -0.92 -3.97 25.57
N VAL A 121 -1.40 -3.01 26.36
CA VAL A 121 -2.11 -1.87 25.79
C VAL A 121 -1.09 -0.95 25.14
N LEU A 122 -1.27 -0.70 23.85
CA LEU A 122 -0.40 0.21 23.09
C LEU A 122 -0.90 1.65 23.11
N HIS A 123 -2.21 1.84 23.22
CA HIS A 123 -2.84 3.13 23.07
C HIS A 123 -4.27 3.04 23.58
N THR A 124 -4.74 4.10 24.19
CA THR A 124 -6.12 4.21 24.64
C THR A 124 -6.72 5.47 24.02
N ILE A 125 -7.83 5.31 23.31
CA ILE A 125 -8.59 6.44 22.80
C ILE A 125 -9.57 6.83 23.89
N ARG A 126 -9.39 8.00 24.48
CA ARG A 126 -10.14 8.39 25.65
C ARG A 126 -11.21 9.42 25.29
N GLU A 127 -12.28 9.42 26.07
CA GLU A 127 -13.31 10.45 25.98
C GLU A 127 -13.95 10.48 24.58
N THR A 128 -14.27 9.31 24.04
CA THR A 128 -15.00 9.26 22.79
C THR A 128 -16.42 9.77 23.01
N PRO A 129 -17.07 10.24 21.95
CA PRO A 129 -18.52 10.41 21.99
C PRO A 129 -19.17 9.13 22.47
N PRO A 130 -20.17 9.22 23.34
CA PRO A 130 -20.75 8.00 23.91
C PRO A 130 -21.19 7.05 22.82
N ASN A 131 -20.81 5.78 22.96
CA ASN A 131 -21.06 4.77 21.93
C ASN A 131 -21.64 3.56 22.64
N PRO A 132 -22.84 3.70 23.20
CA PRO A 132 -23.44 2.60 23.98
C PRO A 132 -23.72 1.35 23.17
N ALA A 133 -23.88 1.46 21.85
CA ALA A 133 -24.07 0.29 21.00
C ALA A 133 -22.78 -0.43 20.68
N GLY A 134 -21.63 0.13 21.02
CA GLY A 134 -20.38 -0.56 20.74
C GLY A 134 -20.13 -0.62 19.25
N LEU A 135 -20.53 0.40 18.53
CA LEU A 135 -20.39 0.43 17.09
C LEU A 135 -18.93 0.69 16.73
N CYS A 136 -18.30 -0.27 16.09
CA CYS A 136 -16.93 -0.07 15.62
C CYS A 136 -16.63 -1.12 14.58
N ALA A 137 -15.50 -0.92 13.90
CA ALA A 137 -15.05 -1.94 12.97
C ALA A 137 -13.54 -1.94 12.91
N LEU A 138 -12.99 -3.14 12.75
CA LEU A 138 -11.55 -3.34 12.71
C LEU A 138 -11.16 -4.11 11.47
N SER A 139 -10.25 -3.54 10.69
CA SER A 139 -9.78 -4.18 9.48
C SER A 139 -9.00 -5.44 9.80
N ILE A 140 -9.09 -6.43 8.91
CA ILE A 140 -8.27 -7.64 9.04
C ILE A 140 -7.06 -7.64 8.12
N ASN A 141 -6.79 -6.53 7.45
CA ASN A 141 -5.67 -6.42 6.52
C ASN A 141 -4.47 -5.73 7.16
N ASN A 142 -3.31 -6.37 7.08
CA ASN A 142 -2.14 -5.84 7.77
C ASN A 142 -1.60 -4.55 7.16
N ASP A 143 -1.77 -4.34 5.85
CA ASP A 143 -1.30 -3.09 5.25
C ASP A 143 -2.31 -1.94 5.43
N ASN A 144 -3.53 -2.25 5.82
CA ASN A 144 -4.59 -1.26 5.97
C ASN A 144 -5.26 -1.52 7.32
N CYS A 145 -4.49 -1.30 8.39
CA CYS A 145 -4.85 -1.88 9.69
C CYS A 145 -5.59 -0.86 10.54
N TYR A 146 -6.78 -0.50 10.07
CA TYR A 146 -7.53 0.61 10.63
C TYR A 146 -8.67 0.16 11.53
N LEU A 147 -8.98 1.03 12.49
CA LEU A 147 -10.13 0.95 13.37
C LEU A 147 -11.04 2.13 13.06
N ALA A 148 -12.33 1.87 12.89
CA ALA A 148 -13.31 2.91 12.64
C ALA A 148 -14.31 2.95 13.78
N TYR A 149 -14.70 4.16 14.19
CA TYR A 149 -15.66 4.31 15.27
C TYR A 149 -16.32 5.67 15.14
N PRO A 150 -17.41 5.91 15.85
CA PRO A 150 -18.13 7.20 15.67
C PRO A 150 -17.38 8.39 16.26
N GLY A 151 -17.18 9.43 15.42
CA GLY A 151 -16.53 10.64 15.86
C GLY A 151 -17.43 11.74 16.36
N SER A 152 -18.74 11.50 16.39
CA SER A 152 -19.70 12.49 16.86
C SER A 152 -20.91 11.75 17.39
N ALA A 153 -21.54 12.30 18.43
CA ALA A 153 -22.79 11.71 18.92
C ALA A 153 -24.03 12.23 18.18
N THR A 154 -23.91 13.36 17.49
CA THR A 154 -25.04 13.96 16.81
C THR A 154 -25.00 13.80 15.30
N ILE A 155 -23.82 13.58 14.72
CA ILE A 155 -23.58 13.55 13.29
C ILE A 155 -22.85 12.26 12.93
N GLY A 156 -23.09 11.76 11.71
CA GLY A 156 -22.52 10.49 11.29
C GLY A 156 -21.10 10.63 10.77
N GLU A 157 -20.20 11.17 11.60
CA GLU A 157 -18.77 11.28 11.28
C GLU A 157 -18.05 10.03 11.75
N VAL A 158 -17.14 9.52 10.91
CA VAL A 158 -16.38 8.31 11.22
C VAL A 158 -14.95 8.69 11.49
N GLN A 159 -14.45 8.30 12.67
CA GLN A 159 -13.02 8.44 12.93
C GLN A 159 -12.34 7.17 12.43
N VAL A 160 -11.23 7.33 11.72
CA VAL A 160 -10.47 6.21 11.18
C VAL A 160 -9.10 6.27 11.82
N PHE A 161 -8.79 5.28 12.65
CA PHE A 161 -7.59 5.25 13.46
C PHE A 161 -6.65 4.17 12.95
N ASP A 162 -5.39 4.54 12.72
CA ASP A 162 -4.38 3.60 12.27
C ASP A 162 -3.80 2.87 13.48
N THR A 163 -4.07 1.57 13.59
CA THR A 163 -3.61 0.85 14.77
C THR A 163 -2.14 0.48 14.72
N ILE A 164 -1.42 0.79 13.64
CA ILE A 164 0.02 0.60 13.56
C ILE A 164 0.75 1.89 13.91
N ASN A 165 0.44 2.98 13.22
CA ASN A 165 1.01 4.28 13.60
C ASN A 165 0.46 4.79 14.95
N LEU A 166 -0.65 4.24 15.41
CA LEU A 166 -1.33 4.67 16.64
C LEU A 166 -1.68 6.16 16.57
N ARG A 167 -2.25 6.56 15.44
CA ARG A 167 -2.68 7.93 15.21
C ARG A 167 -3.88 7.95 14.29
N ALA A 168 -4.70 8.98 14.41
CA ALA A 168 -5.81 9.12 13.49
C ALA A 168 -5.30 9.20 12.07
N ALA A 169 -5.96 8.47 11.16
CA ALA A 169 -5.62 8.52 9.74
C ALA A 169 -6.51 9.47 8.98
N ASN A 170 -7.77 9.59 9.37
CA ASN A 170 -8.73 10.43 8.66
C ASN A 170 -10.00 10.53 9.49
N MET A 171 -10.80 11.55 9.16
CA MET A 171 -12.21 11.61 9.55
C MET A 171 -13.04 11.64 8.28
N ILE A 172 -14.05 10.78 8.22
CA ILE A 172 -14.95 10.69 7.07
C ILE A 172 -16.33 11.19 7.51
N PRO A 173 -16.81 12.30 6.95
CA PRO A 173 -18.16 12.75 7.23
C PRO A 173 -19.13 11.94 6.39
N ALA A 174 -19.56 10.83 6.93
CA ALA A 174 -20.25 9.81 6.14
C ALA A 174 -21.75 10.11 6.01
N HIS A 175 -22.39 10.55 7.10
CA HIS A 175 -23.82 10.82 7.09
C HIS A 175 -24.16 12.03 7.94
N ASP A 176 -25.30 12.65 7.65
CA ASP A 176 -25.66 13.86 8.39
C ASP A 176 -26.37 13.57 9.70
N SER A 177 -26.52 12.31 10.09
CA SER A 177 -27.08 11.95 11.38
C SER A 177 -26.33 10.76 11.96
N PRO A 178 -26.60 10.36 13.21
CA PRO A 178 -25.72 9.37 13.86
C PRO A 178 -25.61 8.04 13.14
N LEU A 179 -24.42 7.45 13.23
CA LEU A 179 -24.15 6.17 12.62
C LEU A 179 -25.00 5.06 13.24
N ALA A 180 -25.41 4.11 12.39
CA ALA A 180 -26.07 2.89 12.82
C ALA A 180 -25.24 1.64 12.57
N ALA A 181 -24.35 1.65 11.58
CA ALA A 181 -23.62 0.43 11.24
C ALA A 181 -22.36 0.78 10.46
N LEU A 182 -21.34 -0.08 10.59
CA LEU A 182 -20.02 0.08 9.98
C LEU A 182 -19.47 -1.30 9.62
N ALA A 183 -18.75 -1.40 8.49
CA ALA A 183 -18.02 -2.64 8.19
C ALA A 183 -16.89 -2.35 7.22
N PHE A 184 -15.73 -2.97 7.46
CA PHE A 184 -14.64 -3.00 6.49
C PHE A 184 -14.78 -4.22 5.58
N ASP A 185 -14.26 -4.11 4.37
CA ASP A 185 -14.04 -5.32 3.60
C ASP A 185 -12.70 -5.93 3.97
N ALA A 186 -12.44 -7.12 3.43
CA ALA A 186 -11.29 -7.88 3.85
C ALA A 186 -9.99 -7.20 3.47
N SER A 187 -10.01 -6.37 2.41
CA SER A 187 -8.79 -5.67 2.00
C SER A 187 -8.44 -4.50 2.93
N GLY A 188 -9.37 -4.08 3.79
CA GLY A 188 -9.20 -2.92 4.63
C GLY A 188 -9.26 -1.59 3.91
N THR A 189 -9.64 -1.56 2.63
CA THR A 189 -9.66 -0.32 1.87
C THR A 189 -11.07 0.18 1.58
N LYS A 190 -12.10 -0.52 2.02
CA LYS A 190 -13.47 -0.10 1.83
C LYS A 190 -14.16 -0.09 3.19
N LEU A 191 -14.89 0.97 3.48
CA LEU A 191 -15.69 1.08 4.69
C LEU A 191 -17.13 1.34 4.27
N ALA A 192 -18.04 0.45 4.68
CA ALA A 192 -19.47 0.66 4.46
C ALA A 192 -20.08 1.28 5.70
N THR A 193 -21.03 2.18 5.47
CA THR A 193 -21.63 2.95 6.55
C THR A 193 -23.13 3.10 6.31
N ALA A 194 -23.86 3.26 7.42
CA ALA A 194 -25.26 3.63 7.41
C ALA A 194 -25.55 4.51 8.62
N SER A 195 -26.52 5.41 8.48
CA SER A 195 -26.97 6.26 9.57
C SER A 195 -28.23 5.65 10.21
N GLU A 196 -28.71 6.29 11.27
CA GLU A 196 -29.95 5.87 11.92
C GLU A 196 -31.17 6.06 11.01
N LYS A 197 -31.03 6.86 9.94
CA LYS A 197 -32.13 7.00 8.98
C LYS A 197 -32.23 5.77 8.09
N GLY A 198 -31.08 5.22 7.72
CA GLY A 198 -31.03 3.95 7.04
C GLY A 198 -31.50 3.93 5.61
N THR A 199 -31.58 5.09 4.93
CA THR A 199 -32.08 5.12 3.57
C THR A 199 -31.00 4.82 2.52
N VAL A 200 -29.73 5.13 2.80
CA VAL A 200 -28.65 4.87 1.87
C VAL A 200 -27.51 4.21 2.63
N ILE A 201 -26.80 3.34 1.94
CA ILE A 201 -25.59 2.67 2.44
C ILE A 201 -24.44 3.22 1.61
N ARG A 202 -23.43 3.77 2.27
CA ARG A 202 -22.33 4.42 1.56
C ARG A 202 -21.08 3.58 1.73
N VAL A 203 -20.20 3.64 0.73
CA VAL A 203 -18.91 2.96 0.82
C VAL A 203 -17.85 4.02 0.55
N PHE A 204 -16.84 4.08 1.43
CA PHE A 204 -15.73 5.03 1.35
C PHE A 204 -14.43 4.27 1.18
N SER A 205 -13.50 4.90 0.46
CA SER A 205 -12.14 4.40 0.35
C SER A 205 -11.39 4.68 1.65
N ILE A 206 -10.57 3.72 2.06
CA ILE A 206 -9.84 3.79 3.32
C ILE A 206 -8.36 3.65 2.99
N PRO A 207 -7.49 4.54 3.49
CA PRO A 207 -7.73 5.66 4.40
C PRO A 207 -8.05 7.00 3.76
N GLU A 208 -8.01 7.09 2.43
CA GLU A 208 -8.01 8.42 1.83
C GLU A 208 -9.37 9.10 1.86
N GLY A 209 -10.46 8.35 2.00
CA GLY A 209 -11.74 8.87 2.45
C GLY A 209 -12.75 9.28 1.39
N GLN A 210 -12.42 9.17 0.11
CA GLN A 210 -13.38 9.54 -0.93
C GLN A 210 -14.55 8.55 -0.98
N LYS A 211 -15.72 9.08 -1.33
CA LYS A 211 -16.90 8.22 -1.47
C LYS A 211 -16.81 7.45 -2.78
N LEU A 212 -16.94 6.14 -2.70
CA LEU A 212 -16.92 5.25 -3.86
C LEU A 212 -18.29 4.84 -4.34
N PHE A 213 -19.24 4.63 -3.44
CA PHE A 213 -20.56 4.15 -3.80
C PHE A 213 -21.60 4.71 -2.86
N GLU A 214 -22.80 4.92 -3.39
CA GLU A 214 -23.98 5.17 -2.58
C GLU A 214 -25.10 4.25 -3.05
N PHE A 215 -25.58 3.42 -2.14
CA PHE A 215 -26.57 2.40 -2.44
C PHE A 215 -27.86 2.80 -1.74
N ARG A 216 -28.98 2.71 -2.43
CA ARG A 216 -30.25 3.17 -1.88
C ARG A 216 -31.17 2.00 -1.58
N ARG A 217 -31.74 2.00 -0.38
CA ARG A 217 -32.84 1.09 -0.07
C ARG A 217 -34.16 1.79 0.18
N GLY A 218 -34.17 3.10 0.44
CA GLY A 218 -35.42 3.83 0.59
C GLY A 218 -35.22 5.29 0.25
N VAL A 219 -36.34 6.01 0.20
CA VAL A 219 -36.34 7.44 -0.04
C VAL A 219 -36.83 8.20 1.18
N LYS A 220 -38.05 7.91 1.63
CA LYS A 220 -38.51 8.48 2.89
C LYS A 220 -38.75 7.44 3.97
N ARG A 221 -38.79 6.15 3.62
CA ARG A 221 -39.00 5.11 4.62
C ARG A 221 -37.67 4.78 5.30
N CYS A 222 -37.59 5.06 6.59
CA CYS A 222 -36.39 4.80 7.37
C CYS A 222 -36.48 3.44 8.04
N VAL A 223 -35.31 2.86 8.30
CA VAL A 223 -35.17 1.61 9.04
C VAL A 223 -33.94 1.75 9.95
N SER A 224 -33.79 0.78 10.85
CA SER A 224 -32.63 0.71 11.75
C SER A 224 -31.72 -0.40 11.22
N ILE A 225 -30.74 -0.01 10.40
CA ILE A 225 -29.76 -0.96 9.87
C ILE A 225 -28.94 -1.53 11.00
N CYS A 226 -28.80 -2.84 11.04
CA CYS A 226 -28.05 -3.41 12.14
C CYS A 226 -26.84 -4.23 11.71
N SER A 227 -26.71 -4.57 10.44
CA SER A 227 -25.56 -5.35 10.01
C SER A 227 -25.21 -5.00 8.58
N LEU A 228 -23.93 -4.72 8.35
CA LEU A 228 -23.37 -4.53 7.02
C LEU A 228 -22.27 -5.56 6.85
N ALA A 229 -22.20 -6.23 5.69
CA ALA A 229 -21.20 -7.27 5.50
C ALA A 229 -20.75 -7.29 4.05
N PHE A 230 -19.44 -7.43 3.84
CA PHE A 230 -18.87 -7.59 2.51
C PHE A 230 -18.58 -9.06 2.23
N SER A 231 -18.70 -9.44 0.97
CA SER A 231 -18.06 -10.67 0.52
C SER A 231 -16.54 -10.54 0.62
N MET A 232 -15.86 -11.68 0.71
CA MET A 232 -14.42 -11.63 0.93
C MET A 232 -13.70 -10.94 -0.22
N ASP A 233 -14.22 -11.03 -1.44
CA ASP A 233 -13.59 -10.34 -2.56
C ASP A 233 -14.01 -8.88 -2.71
N GLY A 234 -14.88 -8.38 -1.84
CA GLY A 234 -15.25 -6.97 -1.84
C GLY A 234 -16.26 -6.59 -2.88
N MET A 235 -16.82 -7.56 -3.61
CA MET A 235 -17.70 -7.25 -4.72
C MET A 235 -19.14 -7.04 -4.28
N PHE A 236 -19.54 -7.63 -3.16
CA PHE A 236 -20.92 -7.61 -2.70
C PHE A 236 -20.98 -7.10 -1.27
N LEU A 237 -22.08 -6.40 -0.97
CA LEU A 237 -22.29 -5.76 0.32
C LEU A 237 -23.75 -5.95 0.73
N SER A 238 -23.96 -6.58 1.87
CA SER A 238 -25.30 -6.81 2.37
C SER A 238 -25.62 -5.83 3.50
N ALA A 239 -26.90 -5.50 3.62
CA ALA A 239 -27.40 -4.62 4.66
C ALA A 239 -28.72 -5.18 5.18
N SER A 240 -28.76 -5.49 6.47
CA SER A 240 -29.96 -5.98 7.13
C SER A 240 -30.40 -5.00 8.23
N SER A 241 -31.63 -5.17 8.69
CA SER A 241 -32.22 -4.14 9.57
C SER A 241 -33.27 -4.79 10.47
N ASN A 242 -34.11 -3.97 11.06
CA ASN A 242 -35.26 -4.45 11.84
C ASN A 242 -36.47 -4.81 10.96
N THR A 243 -36.33 -4.81 9.63
CA THR A 243 -37.41 -5.20 8.74
C THR A 243 -37.12 -6.60 8.23
N GLU A 244 -38.00 -7.09 7.36
CA GLU A 244 -37.86 -8.43 6.82
C GLU A 244 -36.97 -8.48 5.58
N THR A 245 -36.49 -7.36 5.08
CA THR A 245 -35.72 -7.38 3.84
C THR A 245 -34.24 -7.17 4.10
N VAL A 246 -33.41 -8.00 3.48
CA VAL A 246 -31.96 -7.78 3.37
C VAL A 246 -31.67 -7.40 1.92
N HIS A 247 -30.93 -6.30 1.74
CA HIS A 247 -30.50 -5.83 0.44
C HIS A 247 -29.06 -6.25 0.22
N ILE A 248 -28.77 -6.68 -0.99
CA ILE A 248 -27.42 -7.04 -1.38
C ILE A 248 -27.02 -6.16 -2.55
N PHE A 249 -25.94 -5.40 -2.39
CA PHE A 249 -25.45 -4.49 -3.39
C PHE A 249 -24.17 -5.00 -4.03
N LYS A 250 -23.99 -4.67 -5.30
CA LYS A 250 -22.80 -5.06 -6.05
C LYS A 250 -21.95 -3.82 -6.32
N LEU A 251 -20.66 -3.93 -6.00
CA LEU A 251 -19.75 -2.79 -6.11
C LEU A 251 -19.19 -2.74 -7.52
N GLU A 252 -20.00 -2.21 -8.40
CA GLU A 252 -19.70 -2.15 -9.82
C GLU A 252 -20.22 -0.82 -10.35
N THR A 253 -19.48 -0.23 -11.29
CA THR A 253 -19.93 0.98 -11.97
C THR A 253 -20.97 0.60 -13.01
N VAL A 254 -22.19 1.11 -12.84
CA VAL A 254 -23.35 0.66 -13.59
C VAL A 254 -24.25 1.86 -13.89
N LYS A 255 -25.03 1.74 -14.96
CA LYS A 255 -25.86 2.84 -15.42
C LYS A 255 -26.86 3.29 -14.35
N GLU A 256 -27.67 2.35 -13.87
CA GLU A 256 -28.65 2.64 -12.82
C GLU A 256 -27.97 2.46 -11.47
N GLN A 257 -27.21 3.48 -11.08
CA GLN A 257 -26.39 3.41 -9.87
C GLN A 257 -27.28 3.55 -8.63
N GLY A 258 -27.02 2.69 -7.65
CA GLY A 258 -27.67 2.78 -6.36
C GLY A 258 -28.63 1.66 -6.04
N ARG A 259 -29.16 0.95 -7.05
CA ARG A 259 -30.18 -0.06 -6.80
C ARG A 259 -29.57 -1.36 -6.27
N ALA A 260 -30.37 -2.10 -5.51
CA ALA A 260 -29.94 -3.41 -5.03
C ALA A 260 -29.79 -4.38 -6.19
N PHE A 261 -28.78 -5.22 -6.08
CA PHE A 261 -28.49 -6.29 -7.03
C PHE A 261 -29.34 -7.51 -6.72
N ALA A 262 -29.55 -7.79 -5.44
CA ALA A 262 -30.30 -8.96 -4.99
C ALA A 262 -30.96 -8.61 -3.66
N THR A 263 -31.99 -9.37 -3.32
CA THR A 263 -32.71 -9.15 -2.10
C THR A 263 -33.07 -10.45 -1.42
N VAL A 264 -33.31 -10.40 -0.12
CA VAL A 264 -33.68 -11.57 0.64
C VAL A 264 -34.85 -11.22 1.51
N ARG A 265 -35.77 -12.15 1.67
CA ARG A 265 -36.87 -11.94 2.58
C ARG A 265 -36.75 -12.85 3.77
N LEU A 266 -36.61 -12.27 4.94
CA LEU A 266 -36.52 -13.01 6.18
C LEU A 266 -37.91 -13.44 6.65
N PRO A 267 -38.01 -14.59 7.33
CA PRO A 267 -39.30 -15.01 7.88
C PRO A 267 -39.67 -14.34 9.19
N PHE A 268 -39.03 -13.23 9.49
CA PHE A 268 -39.29 -12.51 10.72
C PHE A 268 -39.07 -11.03 10.45
N CYS A 269 -39.57 -10.24 11.39
CA CYS A 269 -39.40 -8.80 11.43
C CYS A 269 -38.92 -8.50 12.84
N GLY A 270 -38.03 -7.53 12.97
CA GLY A 270 -37.82 -6.91 14.25
C GLY A 270 -36.95 -7.69 15.21
N HIS A 271 -36.09 -8.54 14.68
CA HIS A 271 -35.17 -9.33 15.49
C HIS A 271 -33.74 -8.83 15.27
N LYS A 272 -32.96 -8.81 16.36
CA LYS A 272 -31.52 -8.64 16.21
C LYS A 272 -31.00 -9.68 15.23
N ASN A 273 -30.08 -9.27 14.36
CA ASN A 273 -29.57 -10.22 13.40
C ASN A 273 -28.24 -9.73 12.88
N ILE A 274 -27.43 -10.66 12.41
CA ILE A 274 -26.12 -10.39 11.88
C ILE A 274 -25.95 -11.18 10.59
N CYS A 275 -25.35 -10.54 9.59
CA CYS A 275 -25.24 -11.16 8.29
C CYS A 275 -23.80 -11.35 7.90
N SER A 276 -23.58 -12.30 6.99
CA SER A 276 -22.28 -12.39 6.36
C SER A 276 -22.50 -12.96 4.97
N LEU A 277 -21.52 -12.74 4.11
CA LEU A 277 -21.52 -13.24 2.75
C LEU A 277 -20.36 -14.20 2.62
N ALA A 278 -20.66 -15.46 2.34
CA ALA A 278 -19.67 -16.54 2.37
C ALA A 278 -19.92 -17.52 1.24
N THR A 279 -18.85 -17.90 0.55
CA THR A 279 -18.92 -18.93 -0.48
C THR A 279 -18.75 -20.28 0.19
N ILE A 280 -19.79 -21.10 0.10
CA ILE A 280 -19.83 -22.42 0.75
C ILE A 280 -20.19 -23.45 -0.31
N GLN A 281 -19.37 -24.49 -0.41
CA GLN A 281 -19.58 -25.55 -1.39
C GLN A 281 -19.78 -24.94 -2.78
N LYS A 282 -18.90 -24.00 -3.13
CA LYS A 282 -18.81 -23.38 -4.45
C LYS A 282 -19.95 -22.42 -4.77
N ILE A 283 -20.84 -22.09 -3.85
CA ILE A 283 -21.97 -21.23 -4.12
C ILE A 283 -21.97 -20.09 -3.12
N PRO A 284 -21.99 -18.82 -3.58
CA PRO A 284 -22.07 -17.69 -2.65
C PRO A 284 -23.36 -17.73 -1.85
N ARG A 285 -23.23 -17.56 -0.54
CA ARG A 285 -24.39 -17.56 0.35
C ARG A 285 -24.47 -16.24 1.11
N LEU A 286 -25.70 -15.87 1.44
CA LEU A 286 -25.96 -14.91 2.51
C LEU A 286 -26.33 -15.71 3.75
N LEU A 287 -25.57 -15.53 4.82
CA LEU A 287 -25.82 -16.17 6.11
C LEU A 287 -26.42 -15.11 7.03
N VAL A 288 -27.48 -15.46 7.74
CA VAL A 288 -28.09 -14.57 8.73
C VAL A 288 -28.25 -15.35 10.03
N GLY A 289 -27.62 -14.86 11.10
CA GLY A 289 -27.89 -15.37 12.42
C GLY A 289 -28.82 -14.40 13.13
N ALA A 290 -29.87 -14.94 13.76
CA ALA A 290 -30.88 -14.05 14.32
C ALA A 290 -31.29 -14.47 15.73
N ALA A 291 -31.86 -13.50 16.45
CA ALA A 291 -32.23 -13.73 17.85
C ALA A 291 -33.39 -14.68 18.01
N ASP A 292 -34.02 -15.12 16.92
CA ASP A 292 -35.02 -16.17 16.98
C ASP A 292 -34.39 -17.55 17.15
N GLY A 293 -33.06 -17.63 17.23
CA GLY A 293 -32.36 -18.88 17.45
C GLY A 293 -31.90 -19.60 16.20
N TYR A 294 -32.01 -18.99 15.03
CA TYR A 294 -31.64 -19.68 13.80
C TYR A 294 -30.52 -19.02 13.02
N LEU A 295 -29.81 -19.86 12.28
CA LEU A 295 -28.96 -19.46 11.16
C LEU A 295 -29.69 -19.76 9.85
N TYR A 296 -29.82 -18.75 9.00
CA TYR A 296 -30.46 -18.86 7.70
C TYR A 296 -29.40 -18.79 6.61
N MET A 297 -29.55 -19.63 5.58
CA MET A 297 -28.60 -19.66 4.47
C MET A 297 -29.37 -19.50 3.17
N TYR A 298 -29.13 -18.39 2.50
CA TYR A 298 -29.74 -18.03 1.22
C TYR A 298 -28.67 -18.13 0.15
N ASN A 299 -29.11 -18.50 -1.05
CA ASN A 299 -28.19 -18.60 -2.17
C ASN A 299 -28.18 -17.30 -2.96
N LEU A 300 -26.98 -16.80 -3.26
CA LEU A 300 -26.80 -15.60 -4.07
C LEU A 300 -26.23 -16.01 -5.41
N ASP A 301 -26.90 -15.63 -6.48
CA ASP A 301 -26.33 -15.81 -7.81
C ASP A 301 -25.54 -14.54 -8.13
N PRO A 302 -24.21 -14.60 -8.23
CA PRO A 302 -23.41 -13.38 -8.35
C PRO A 302 -23.48 -12.72 -9.70
N GLN A 303 -24.04 -13.39 -10.69
CA GLN A 303 -24.29 -12.81 -12.00
C GLN A 303 -25.71 -12.30 -12.15
N GLU A 304 -26.70 -13.03 -11.64
CA GLU A 304 -28.09 -12.74 -11.94
C GLU A 304 -28.81 -11.99 -10.84
N GLY A 305 -28.36 -12.12 -9.59
CA GLY A 305 -28.97 -11.33 -8.52
C GLY A 305 -30.42 -11.72 -8.30
N GLY A 306 -31.23 -10.70 -8.01
CA GLY A 306 -32.67 -10.89 -7.81
C GLY A 306 -32.98 -11.48 -6.45
N GLU A 307 -34.17 -12.11 -6.37
CA GLU A 307 -34.65 -12.63 -5.09
C GLU A 307 -33.95 -13.94 -4.77
N CYS A 308 -33.39 -14.06 -3.56
CA CYS A 308 -32.60 -15.22 -3.16
C CYS A 308 -33.43 -16.18 -2.33
N ALA A 309 -33.39 -17.47 -2.70
CA ALA A 309 -34.16 -18.49 -1.99
C ALA A 309 -33.51 -18.86 -0.66
N LEU A 310 -34.35 -19.07 0.36
CA LEU A 310 -33.91 -19.62 1.63
C LEU A 310 -33.73 -21.12 1.47
N MET A 311 -32.48 -21.59 1.48
CA MET A 311 -32.20 -23.00 1.16
C MET A 311 -32.03 -23.89 2.38
N LYS A 312 -31.43 -23.37 3.44
CA LYS A 312 -31.17 -24.14 4.64
C LYS A 312 -31.38 -23.23 5.84
N GLN A 313 -31.82 -23.83 6.93
CA GLN A 313 -32.02 -23.15 8.19
C GLN A 313 -31.62 -24.11 9.30
N HIS A 314 -30.84 -23.60 10.26
CA HIS A 314 -30.26 -24.44 11.30
C HIS A 314 -30.38 -23.75 12.65
N ARG A 315 -30.61 -24.56 13.70
CA ARG A 315 -30.64 -24.01 15.06
C ARG A 315 -29.24 -23.59 15.53
N LEU A 316 -29.14 -22.35 16.04
CA LEU A 316 -27.87 -21.81 16.54
C LEU A 316 -27.35 -22.59 17.75
N ASP A 317 -28.22 -23.22 18.51
CA ASP A 317 -27.79 -23.98 19.68
C ASP A 317 -27.40 -25.42 19.34
N GLY A 318 -27.39 -25.79 18.07
CA GLY A 318 -26.93 -27.09 17.65
C GLY A 318 -28.01 -28.16 17.60
N SER A 319 -29.24 -27.83 17.99
CA SER A 319 -30.36 -28.77 17.96
C SER A 319 -30.60 -29.25 16.53
N LEU A 320 -31.10 -30.50 16.39
CA LEU A 320 -31.47 -31.00 15.07
C LEU A 320 -32.59 -30.17 14.45
N GLU A 321 -33.55 -29.74 15.26
CA GLU A 321 -34.54 -28.75 14.83
C GLU A 321 -35.14 -28.02 16.02
N GLY B 1 9.01 -24.69 -43.97
CA GLY B 1 10.14 -24.66 -44.89
C GLY B 1 10.04 -25.63 -46.05
N PRO B 2 11.02 -25.56 -46.96
CA PRO B 2 10.95 -26.40 -48.16
C PRO B 2 10.89 -27.87 -47.81
N GLY B 3 9.94 -28.56 -48.45
CA GLY B 3 9.73 -29.97 -48.23
C GLY B 3 8.73 -30.30 -47.13
N SER B 4 8.28 -29.31 -46.38
CA SER B 4 7.26 -29.57 -45.36
C SER B 4 6.05 -30.24 -46.00
N MET B 5 5.56 -31.29 -45.37
CA MET B 5 4.46 -32.08 -45.90
C MET B 5 3.30 -32.19 -44.93
N GLN B 6 3.37 -31.54 -43.78
CA GLN B 6 2.28 -31.64 -42.82
C GLN B 6 1.17 -30.66 -43.20
N MET B 7 -0.06 -31.16 -43.30
CA MET B 7 -1.18 -30.31 -43.66
C MET B 7 -1.46 -29.29 -42.57
N ASN B 8 -1.76 -28.06 -42.98
CA ASN B 8 -1.91 -26.98 -42.01
C ASN B 8 -3.03 -27.30 -41.02
N GLU B 9 -4.13 -27.89 -41.49
CA GLU B 9 -5.23 -28.22 -40.59
C GLU B 9 -4.80 -29.22 -39.52
N ALA B 10 -3.93 -30.17 -39.88
CA ALA B 10 -3.36 -31.05 -38.86
C ALA B 10 -2.55 -30.26 -37.83
N LYS B 11 -1.72 -29.31 -38.30
CA LYS B 11 -0.91 -28.51 -37.38
C LYS B 11 -1.79 -27.68 -36.46
N ILE B 12 -2.81 -27.03 -37.02
CA ILE B 12 -3.76 -26.29 -36.19
C ILE B 12 -4.28 -27.20 -35.06
N ALA B 13 -4.70 -28.41 -35.43
CA ALA B 13 -5.33 -29.29 -34.45
C ALA B 13 -4.36 -29.66 -33.34
N GLU B 14 -3.12 -29.96 -33.72
CA GLU B 14 -2.09 -30.23 -32.71
C GLU B 14 -1.96 -29.05 -31.75
N CYS B 15 -1.94 -27.84 -32.30
CA CYS B 15 -1.73 -26.64 -31.51
C CYS B 15 -2.89 -26.42 -30.55
N LEU B 16 -4.10 -26.42 -31.09
CA LEU B 16 -5.30 -26.17 -30.27
C LEU B 16 -5.42 -27.21 -29.17
N GLN B 17 -5.09 -28.47 -29.47
CA GLN B 17 -5.02 -29.48 -28.41
C GLN B 17 -3.99 -29.08 -27.36
N THR B 18 -2.81 -28.64 -27.81
CA THR B 18 -1.77 -28.24 -26.87
C THR B 18 -2.22 -27.04 -26.03
N ILE B 19 -2.88 -26.08 -26.67
CA ILE B 19 -3.42 -24.93 -25.95
C ILE B 19 -4.32 -25.39 -24.82
N SER B 20 -5.26 -26.28 -25.13
CA SER B 20 -6.19 -26.75 -24.11
C SER B 20 -5.47 -27.45 -22.97
N ASP B 21 -4.48 -28.29 -23.30
CA ASP B 21 -3.72 -28.98 -22.26
C ASP B 21 -3.05 -27.97 -21.32
N LEU B 22 -2.41 -26.95 -21.88
CA LEU B 22 -1.76 -25.95 -21.04
C LEU B 22 -2.78 -25.16 -20.22
N GLU B 23 -3.87 -24.75 -20.86
CA GLU B 23 -4.92 -24.00 -20.18
C GLU B 23 -5.44 -24.79 -18.98
N THR B 24 -5.75 -26.07 -19.20
CA THR B 24 -6.19 -26.93 -18.11
C THR B 24 -5.12 -27.03 -17.03
N GLU B 25 -3.88 -27.25 -17.45
CA GLU B 25 -2.78 -27.35 -16.51
C GLU B 25 -2.62 -26.07 -15.71
N CYS B 26 -2.71 -24.92 -16.37
CA CYS B 26 -2.53 -23.64 -15.67
C CYS B 26 -3.62 -23.43 -14.64
N LEU B 27 -4.85 -23.88 -14.92
CA LEU B 27 -5.96 -23.68 -14.02
C LEU B 27 -5.89 -24.63 -12.82
N ASP B 28 -5.37 -25.84 -13.02
CA ASP B 28 -5.16 -26.75 -11.90
C ASP B 28 -4.05 -26.25 -10.99
N LEU B 29 -3.01 -25.64 -11.56
CA LEU B 29 -1.94 -25.05 -10.76
C LEU B 29 -2.46 -23.85 -9.98
N ARG B 30 -3.22 -22.98 -10.63
CA ARG B 30 -3.79 -21.83 -9.92
C ARG B 30 -4.68 -22.31 -8.78
N THR B 31 -5.43 -23.38 -9.00
CA THR B 31 -6.25 -23.95 -7.95
C THR B 31 -5.38 -24.48 -6.82
N LYS B 32 -4.34 -25.23 -7.18
CA LYS B 32 -3.46 -25.80 -6.16
C LYS B 32 -2.82 -24.70 -5.34
N LEU B 33 -2.49 -23.57 -5.98
CA LEU B 33 -1.88 -22.46 -5.26
C LEU B 33 -2.88 -21.81 -4.31
N CYS B 34 -4.13 -21.64 -4.77
CA CYS B 34 -5.17 -21.09 -3.91
C CYS B 34 -5.40 -21.95 -2.69
N ASP B 35 -5.50 -23.27 -2.89
CA ASP B 35 -5.75 -24.18 -1.79
C ASP B 35 -4.59 -24.19 -0.80
N LEU B 36 -3.36 -24.14 -1.31
CA LEU B 36 -2.21 -24.18 -0.41
C LEU B 36 -2.02 -22.86 0.30
N GLU B 37 -2.29 -21.74 -0.38
CA GLU B 37 -2.26 -20.44 0.28
C GLU B 37 -3.19 -20.44 1.48
N ARG B 38 -4.40 -20.97 1.28
CA ARG B 38 -5.38 -21.02 2.37
CA ARG B 38 -5.38 -21.01 2.37
C ARG B 38 -4.89 -21.91 3.50
N ALA B 39 -4.35 -23.08 3.17
CA ALA B 39 -3.84 -23.98 4.21
C ALA B 39 -2.67 -23.34 4.95
N ASN B 40 -1.77 -22.67 4.21
CA ASN B 40 -0.62 -22.03 4.85
C ASN B 40 -1.06 -20.93 5.80
N GLN B 41 -2.03 -20.12 5.40
CA GLN B 41 -2.49 -19.07 6.28
C GLN B 41 -3.15 -19.64 7.53
N THR B 42 -3.92 -20.72 7.38
CA THR B 42 -4.49 -21.38 8.56
C THR B 42 -3.38 -21.81 9.52
N LEU B 43 -2.31 -22.40 8.98
CA LEU B 43 -1.20 -22.83 9.80
C LEU B 43 -0.48 -21.64 10.44
N LYS B 44 -0.29 -20.56 9.68
CA LYS B 44 0.33 -19.37 10.24
C LYS B 44 -0.46 -18.83 11.42
N ASP B 45 -1.79 -18.83 11.32
CA ASP B 45 -2.62 -18.32 12.42
C ASP B 45 -2.49 -19.22 13.65
N GLU B 46 -2.39 -20.53 13.46
CA GLU B 46 -2.28 -21.42 14.60
C GLU B 46 -0.91 -21.31 15.22
N TYR B 47 0.12 -21.15 14.40
CA TYR B 47 1.45 -20.90 14.92
C TYR B 47 1.46 -19.63 15.78
N ASP B 48 0.84 -18.56 15.29
CA ASP B 48 0.79 -17.32 16.07
C ASP B 48 0.03 -17.55 17.37
N ALA B 49 -1.07 -18.30 17.32
CA ALA B 49 -1.81 -18.59 18.56
C ALA B 49 -0.92 -19.32 19.55
N LEU B 50 -0.20 -20.34 19.08
CA LEU B 50 0.71 -21.07 19.95
C LEU B 50 1.81 -20.16 20.46
N GLN B 51 2.35 -19.27 19.61
CA GLN B 51 3.42 -18.39 20.09
C GLN B 51 2.91 -17.44 21.15
N ILE B 52 1.72 -16.87 20.94
CA ILE B 52 1.15 -15.97 21.93
C ILE B 52 1.01 -16.68 23.26
N THR B 53 0.54 -17.92 23.22
CA THR B 53 0.37 -18.71 24.43
C THR B 53 1.73 -19.01 25.06
N PHE B 54 2.73 -19.28 24.23
CA PHE B 54 4.09 -19.47 24.72
C PHE B 54 4.61 -18.24 25.45
N THR B 55 4.44 -17.07 24.84
CA THR B 55 4.89 -15.83 25.48
C THR B 55 4.23 -15.65 26.84
N ALA B 56 2.93 -15.92 26.92
CA ALA B 56 2.23 -15.78 28.19
C ALA B 56 2.80 -16.74 29.22
N LEU B 57 3.08 -17.97 28.81
CA LEU B 57 3.65 -18.94 29.75
C LEU B 57 5.07 -18.52 30.13
N GLU B 58 5.84 -18.03 29.16
CA GLU B 58 7.16 -17.49 29.46
C GLU B 58 7.09 -16.46 30.59
N GLY B 59 6.12 -15.56 30.53
CA GLY B 59 6.04 -14.52 31.52
C GLY B 59 5.56 -15.01 32.86
N LYS B 60 4.69 -16.01 32.86
CA LYS B 60 4.29 -16.65 34.10
CA LYS B 60 4.29 -16.66 34.10
C LYS B 60 5.49 -17.29 34.80
N LEU B 61 6.33 -18.01 34.04
CA LEU B 61 7.51 -18.61 34.62
C LEU B 61 8.45 -17.54 35.17
N ARG B 62 8.76 -16.52 34.37
CA ARG B 62 9.66 -15.48 34.81
C ARG B 62 9.21 -14.88 36.14
N LYS B 63 7.91 -14.72 36.33
CA LYS B 63 7.40 -14.20 37.60
C LYS B 63 7.72 -15.15 38.75
N THR B 64 7.21 -16.38 38.66
CA THR B 64 7.43 -17.34 39.74
C THR B 64 8.91 -17.45 40.07
N THR B 65 9.76 -17.42 39.04
CA THR B 65 11.19 -17.59 39.24
C THR B 65 11.81 -16.37 39.93
N GLU B 66 11.37 -15.17 39.56
CA GLU B 66 12.01 -13.96 40.08
C GLU B 66 11.48 -13.54 41.44
N GLU B 67 10.25 -13.88 41.78
CA GLU B 67 9.72 -13.55 43.09
C GLU B 67 10.26 -14.46 44.19
N ASN B 68 10.93 -15.56 43.84
CA ASN B 68 11.35 -16.56 44.81
C ASN B 68 12.85 -16.84 44.76
N GLN B 69 13.63 -16.02 44.07
CA GLN B 69 15.08 -16.20 44.00
C GLN B 69 15.82 -15.30 44.99
N GLY C 5 6.98 27.72 -23.03
CA GLY C 5 7.91 28.84 -23.08
C GLY C 5 9.27 28.43 -23.59
N GLN C 6 10.33 29.09 -23.10
CA GLN C 6 11.67 28.72 -23.48
C GLN C 6 12.03 27.34 -22.92
N LEU C 7 11.86 27.15 -21.62
CA LEU C 7 12.22 25.88 -21.00
C LEU C 7 11.10 24.86 -21.20
N LEU C 8 11.51 23.63 -21.54
CA LEU C 8 10.58 22.55 -21.79
C LEU C 8 10.69 21.38 -20.82
N PHE C 9 11.82 21.22 -20.14
CA PHE C 9 12.08 20.03 -19.36
C PHE C 9 13.17 20.34 -18.35
N ALA C 10 13.04 19.79 -17.15
CA ALA C 10 14.16 19.79 -16.22
C ALA C 10 14.05 18.57 -15.33
N ASN C 11 15.20 17.93 -15.06
CA ASN C 11 15.20 16.82 -14.12
C ASN C 11 16.59 16.65 -13.54
N PHE C 12 16.64 15.83 -12.50
CA PHE C 12 17.88 15.43 -11.87
C PHE C 12 18.30 14.06 -12.39
N ASN C 13 19.61 13.83 -12.43
CA ASN C 13 20.13 12.51 -12.76
C ASN C 13 19.96 11.60 -11.54
N GLN C 14 20.45 10.36 -11.68
CA GLN C 14 20.02 9.28 -10.78
C GLN C 14 20.43 9.52 -9.34
N ASP C 15 21.55 10.21 -9.12
CA ASP C 15 22.06 10.47 -7.77
C ASP C 15 22.16 11.95 -7.45
N ASN C 16 21.42 12.79 -8.19
CA ASN C 16 21.29 14.22 -7.89
C ASN C 16 22.63 14.93 -7.91
N THR C 17 23.49 14.53 -8.83
CA THR C 17 24.76 15.24 -9.06
C THR C 17 24.76 16.08 -10.32
N SER C 18 23.73 15.96 -11.15
CA SER C 18 23.62 16.72 -12.39
C SER C 18 22.15 17.11 -12.59
N LEU C 19 21.95 18.36 -13.03
CA LEU C 19 20.65 18.88 -13.42
C LEU C 19 20.62 19.00 -14.93
N ALA C 20 19.58 18.46 -15.56
CA ALA C 20 19.40 18.54 -17.02
C ALA C 20 18.25 19.50 -17.30
N VAL C 21 18.44 20.39 -18.28
CA VAL C 21 17.44 21.36 -18.67
C VAL C 21 17.28 21.31 -20.18
N GLY C 22 16.06 21.09 -20.64
CA GLY C 22 15.74 21.05 -22.05
C GLY C 22 14.97 22.31 -22.43
N SER C 23 15.30 22.89 -23.59
CA SER C 23 14.70 24.14 -24.01
C SER C 23 14.50 24.13 -25.52
N LYS C 24 13.87 25.20 -26.02
CA LYS C 24 13.68 25.33 -27.45
C LYS C 24 15.01 25.29 -28.19
N SER C 25 16.07 25.83 -27.57
CA SER C 25 17.35 25.98 -28.26
C SER C 25 18.23 24.75 -28.15
N GLY C 26 17.97 23.84 -27.22
CA GLY C 26 18.79 22.67 -27.01
C GLY C 26 18.68 22.12 -25.60
N TYR C 27 19.78 21.66 -25.04
CA TYR C 27 19.77 21.22 -23.65
C TYR C 27 21.13 21.49 -23.03
N LYS C 28 21.13 21.47 -21.70
CA LYS C 28 22.29 21.79 -20.87
C LYS C 28 22.32 20.84 -19.68
N PHE C 29 23.52 20.64 -19.16
CA PHE C 29 23.76 19.99 -17.88
C PHE C 29 24.39 21.01 -16.94
N PHE C 30 23.94 21.01 -15.69
CA PHE C 30 24.53 21.84 -14.65
C PHE C 30 25.04 20.95 -13.53
N SER C 31 26.20 21.28 -12.97
CA SER C 31 26.70 20.57 -11.79
C SER C 31 25.90 20.97 -10.56
N LEU C 32 25.74 20.02 -9.64
CA LEU C 32 25.08 20.25 -8.36
C LEU C 32 26.03 20.00 -7.20
N SER C 33 27.32 20.27 -7.41
CA SER C 33 28.32 20.05 -6.38
C SER C 33 28.46 21.24 -5.43
N SER C 34 27.83 22.37 -5.76
CA SER C 34 27.91 23.57 -4.94
C SER C 34 26.54 24.24 -4.88
N VAL C 35 26.30 24.97 -3.79
CA VAL C 35 25.05 25.71 -3.65
C VAL C 35 25.21 27.17 -4.08
N ASP C 36 26.42 27.72 -4.06
CA ASP C 36 26.59 29.14 -4.35
C ASP C 36 26.46 29.45 -5.83
N LYS C 37 26.79 28.51 -6.70
CA LYS C 37 26.76 28.73 -8.14
C LYS C 37 26.25 27.47 -8.83
N LEU C 38 25.51 27.66 -9.92
CA LEU C 38 25.02 26.57 -10.75
C LEU C 38 25.91 26.50 -11.99
N GLU C 39 26.98 25.71 -11.90
CA GLU C 39 27.97 25.65 -12.97
CA GLU C 39 27.97 25.66 -12.97
C GLU C 39 27.42 24.88 -14.16
N GLN C 40 27.41 25.52 -15.33
CA GLN C 40 27.07 24.83 -16.56
C GLN C 40 28.28 23.98 -16.96
N ILE C 41 28.07 22.68 -17.14
CA ILE C 41 29.15 21.81 -17.59
C ILE C 41 28.95 21.32 -19.02
N TYR C 42 27.81 21.60 -19.65
CA TYR C 42 27.62 21.23 -21.03
C TYR C 42 26.40 21.92 -21.60
N GLU C 43 26.48 22.29 -22.88
CA GLU C 43 25.35 22.78 -23.65
C GLU C 43 25.45 22.24 -25.07
N CYS C 44 24.32 21.84 -25.63
CA CYS C 44 24.23 21.37 -27.00
C CYS C 44 23.08 22.06 -27.71
N THR C 45 23.33 22.54 -28.93
CA THR C 45 22.29 23.11 -29.77
C THR C 45 22.09 22.33 -31.06
N ASP C 46 22.64 21.11 -31.16
CA ASP C 46 22.40 20.29 -32.35
C ASP C 46 20.93 19.93 -32.53
N THR C 47 20.21 19.74 -31.43
CA THR C 47 18.80 19.33 -31.46
C THR C 47 17.96 20.41 -30.81
N GLU C 48 16.97 20.91 -31.54
CA GLU C 48 16.10 21.93 -30.96
C GLU C 48 14.90 21.29 -30.25
N ASP C 49 14.24 22.09 -29.43
CA ASP C 49 13.00 21.71 -28.76
C ASP C 49 13.16 20.38 -28.03
N VAL C 50 14.16 20.33 -27.15
CA VAL C 50 14.45 19.11 -26.40
C VAL C 50 13.44 19.01 -25.25
N CYS C 51 12.60 17.98 -25.31
CA CYS C 51 11.54 17.81 -24.31
C CYS C 51 11.84 16.69 -23.31
N ILE C 52 12.82 15.85 -23.57
CA ILE C 52 13.26 14.83 -22.62
C ILE C 52 14.78 14.73 -22.69
N VAL C 53 15.43 14.76 -21.53
CA VAL C 53 16.88 14.54 -21.40
C VAL C 53 17.07 13.54 -20.27
N GLU C 54 17.74 12.44 -20.56
CA GLU C 54 18.02 11.42 -19.53
C GLU C 54 19.49 11.02 -19.66
N ARG C 55 20.27 11.40 -18.66
CA ARG C 55 21.68 11.04 -18.60
C ARG C 55 21.88 9.74 -17.82
N LEU C 56 22.93 9.02 -18.18
CA LEU C 56 23.35 7.84 -17.42
C LEU C 56 24.34 8.29 -16.34
N PHE C 57 23.82 8.48 -15.14
CA PHE C 57 24.56 9.02 -13.99
C PHE C 57 25.40 10.21 -14.42
N SER C 58 26.72 10.15 -14.24
CA SER C 58 27.59 11.27 -14.56
C SER C 58 28.47 10.95 -15.75
N SER C 59 28.04 9.99 -16.56
CA SER C 59 28.75 9.61 -17.78
C SER C 59 28.30 10.45 -18.97
N SER C 60 28.89 10.18 -20.12
CA SER C 60 28.58 10.93 -21.32
C SER C 60 27.42 10.37 -22.11
N LEU C 61 26.83 9.28 -21.66
CA LEU C 61 25.70 8.70 -22.37
C LEU C 61 24.42 9.43 -21.98
N VAL C 62 23.68 9.90 -22.99
CA VAL C 62 22.44 10.64 -22.77
C VAL C 62 21.40 10.19 -23.78
N ALA C 63 20.15 10.11 -23.34
CA ALA C 63 19.02 9.86 -24.21
C ALA C 63 18.21 11.14 -24.30
N ILE C 64 17.84 11.53 -25.52
CA ILE C 64 17.09 12.77 -25.69
C ILE C 64 15.97 12.56 -26.70
N VAL C 65 14.93 13.36 -26.54
CA VAL C 65 13.79 13.37 -27.44
C VAL C 65 13.47 14.83 -27.74
N SER C 66 13.07 15.11 -28.97
CA SER C 66 12.74 16.45 -29.43
C SER C 66 11.27 16.52 -29.81
N LEU C 67 10.64 17.66 -29.53
CA LEU C 67 9.28 17.88 -29.97
C LEU C 67 9.16 17.80 -31.50
N LYS C 68 10.26 18.05 -32.22
CA LYS C 68 10.22 18.02 -33.67
C LYS C 68 10.06 16.61 -34.21
N ALA C 69 10.40 15.60 -33.39
CA ALA C 69 10.22 14.19 -33.75
C ALA C 69 9.90 13.43 -32.46
N PRO C 70 8.68 13.59 -31.94
CA PRO C 70 8.40 13.15 -30.58
C PRO C 70 8.28 11.65 -30.41
N ARG C 71 8.31 10.86 -31.49
CA ARG C 71 8.32 9.42 -31.38
C ARG C 71 9.72 8.82 -31.48
N LYS C 72 10.76 9.65 -31.56
CA LYS C 72 12.11 9.20 -31.87
C LYS C 72 13.04 9.44 -30.69
N LEU C 73 13.68 8.37 -30.22
CA LEU C 73 14.67 8.44 -29.17
C LEU C 73 16.06 8.48 -29.80
N LYS C 74 16.87 9.45 -29.39
CA LYS C 74 18.28 9.57 -29.77
C LYS C 74 19.15 9.28 -28.57
N VAL C 75 20.02 8.27 -28.67
CA VAL C 75 21.00 7.98 -27.64
C VAL C 75 22.34 8.47 -28.15
N CYS C 76 23.00 9.33 -27.36
CA CYS C 76 24.20 10.01 -27.83
C CYS C 76 25.31 9.93 -26.80
N HIS C 77 26.53 10.20 -27.28
CA HIS C 77 27.71 10.44 -26.43
C HIS C 77 27.93 11.95 -26.51
N PHE C 78 27.59 12.69 -25.46
CA PHE C 78 27.48 14.14 -25.62
C PHE C 78 28.84 14.83 -25.63
N LYS C 79 29.87 14.24 -25.06
CA LYS C 79 31.17 14.88 -25.04
C LYS C 79 31.77 14.80 -26.43
N LYS C 80 31.57 13.70 -27.11
CA LYS C 80 31.96 13.57 -28.50
C LYS C 80 30.97 14.24 -29.45
N GLY C 81 29.79 14.61 -28.97
CA GLY C 81 28.78 15.21 -29.85
C GLY C 81 28.30 14.27 -30.93
N THR C 82 28.11 13.00 -30.57
CA THR C 82 27.93 11.90 -31.51
C THR C 82 26.65 11.13 -31.17
N GLU C 83 25.82 10.84 -32.18
CA GLU C 83 24.68 9.96 -31.94
C GLU C 83 25.15 8.52 -31.98
N ILE C 84 24.79 7.77 -30.94
CA ILE C 84 25.14 6.35 -30.84
C ILE C 84 24.16 5.51 -31.64
N CYS C 85 22.87 5.68 -31.36
CA CYS C 85 21.82 4.98 -32.08
C CYS C 85 20.51 5.71 -31.82
N ASN C 86 19.47 5.29 -32.51
CA ASN C 86 18.15 5.85 -32.31
C ASN C 86 17.11 4.76 -32.46
N TYR C 87 15.91 5.05 -31.96
CA TYR C 87 14.81 4.10 -32.01
C TYR C 87 13.53 4.90 -32.17
N SER C 88 12.67 4.46 -33.08
CA SER C 88 11.38 5.09 -33.34
C SER C 88 10.24 4.23 -32.84
N TYR C 89 9.29 4.86 -32.15
CA TYR C 89 8.14 4.18 -31.57
C TYR C 89 6.87 4.56 -32.31
N SER C 90 5.82 3.77 -32.07
CA SER C 90 4.56 3.96 -32.77
C SER C 90 3.77 5.14 -32.26
N ASN C 91 4.10 5.69 -31.09
N ASN C 91 4.15 5.70 -31.11
CA ASN C 91 3.38 6.84 -30.57
CA ASN C 91 3.40 6.79 -30.48
C ASN C 91 4.37 7.73 -29.83
C ASN C 91 4.38 7.71 -29.78
N THR C 92 3.87 8.86 -29.35
CA THR C 92 4.70 9.83 -28.65
C THR C 92 5.39 9.25 -27.41
N ILE C 93 6.67 9.56 -27.27
CA ILE C 93 7.46 9.13 -26.11
C ILE C 93 7.06 10.01 -24.93
N LEU C 94 6.59 9.39 -23.85
CA LEU C 94 6.17 10.15 -22.68
C LEU C 94 7.22 10.20 -21.57
N ALA C 95 8.06 9.18 -21.45
CA ALA C 95 9.11 9.20 -20.45
C ALA C 95 10.20 8.25 -20.87
N VAL C 96 11.43 8.56 -20.45
CA VAL C 96 12.60 7.73 -20.66
C VAL C 96 13.32 7.62 -19.32
N LYS C 97 13.60 6.39 -18.90
CA LYS C 97 14.35 6.15 -17.67
C LYS C 97 15.50 5.21 -17.97
N LEU C 98 16.64 5.39 -17.30
CA LEU C 98 17.68 4.40 -17.53
C LEU C 98 18.49 4.17 -16.27
N ASN C 99 19.08 2.98 -16.23
CA ASN C 99 20.08 2.65 -15.24
C ASN C 99 21.22 1.94 -15.98
N ARG C 100 22.13 1.32 -15.22
CA ARG C 100 23.33 0.79 -15.83
C ARG C 100 23.09 -0.45 -16.66
N GLN C 101 21.90 -1.04 -16.59
CA GLN C 101 21.60 -2.23 -17.37
C GLN C 101 20.47 -2.04 -18.38
N ARG C 102 19.56 -1.10 -18.15
CA ARG C 102 18.34 -1.07 -18.92
C ARG C 102 17.95 0.36 -19.22
N LEU C 103 17.34 0.54 -20.38
CA LEU C 103 16.66 1.77 -20.75
C LEU C 103 15.20 1.42 -21.00
N ILE C 104 14.30 2.14 -20.35
CA ILE C 104 12.89 1.92 -20.57
C ILE C 104 12.28 3.16 -21.22
N VAL C 105 11.36 2.93 -22.16
CA VAL C 105 10.61 3.99 -22.82
C VAL C 105 9.13 3.77 -22.55
N CYS C 106 8.45 4.80 -22.07
CA CYS C 106 7.04 4.74 -21.71
C CYS C 106 6.24 5.49 -22.77
N LEU C 107 5.37 4.76 -23.45
CA LEU C 107 4.31 5.31 -24.29
C LEU C 107 3.00 5.29 -23.52
N GLU C 108 1.96 5.88 -24.10
CA GLU C 108 0.69 5.95 -23.38
C GLU C 108 0.12 4.56 -23.13
N GLU C 109 0.30 3.62 -24.07
CA GLU C 109 -0.31 2.30 -23.92
C GLU C 109 0.69 1.17 -24.07
N SER C 110 1.99 1.46 -23.97
CA SER C 110 3.01 0.41 -23.99
C SER C 110 4.28 0.92 -23.36
N LEU C 111 5.07 -0.02 -22.82
CA LEU C 111 6.40 0.26 -22.30
C LEU C 111 7.38 -0.67 -22.97
N TYR C 112 8.57 -0.16 -23.23
CA TYR C 112 9.65 -0.88 -23.91
C TYR C 112 10.85 -0.97 -23.00
N ILE C 113 11.39 -2.17 -22.87
CA ILE C 113 12.55 -2.44 -22.02
C ILE C 113 13.70 -2.81 -22.95
N HIS C 114 14.71 -1.94 -23.02
CA HIS C 114 15.91 -2.13 -23.84
C HIS C 114 17.12 -2.52 -23.00
N ASN C 115 17.97 -3.36 -23.59
CA ASN C 115 19.32 -3.53 -23.06
C ASN C 115 20.10 -2.26 -23.35
N ILE C 116 20.69 -1.66 -22.31
CA ILE C 116 21.40 -0.40 -22.55
C ILE C 116 22.66 -0.63 -23.39
N ARG C 117 23.21 -1.83 -23.32
CA ARG C 117 24.48 -2.10 -24.05
CA ARG C 117 24.50 -2.09 -24.06
C ARG C 117 24.37 -2.00 -25.59
N ASP C 118 23.26 -2.48 -26.13
CA ASP C 118 23.07 -2.48 -27.56
C ASP C 118 21.71 -1.93 -27.97
N MET C 119 20.86 -1.56 -27.02
CA MET C 119 19.56 -0.96 -27.25
C MET C 119 18.61 -1.89 -27.99
N LYS C 120 18.89 -3.19 -27.97
CA LYS C 120 17.91 -4.16 -28.47
C LYS C 120 16.73 -4.24 -27.50
N VAL C 121 15.53 -4.36 -28.06
CA VAL C 121 14.34 -4.45 -27.23
C VAL C 121 14.28 -5.84 -26.61
N LEU C 122 14.35 -5.89 -25.28
CA LEU C 122 14.30 -7.17 -24.58
C LEU C 122 12.88 -7.61 -24.31
N HIS C 123 11.95 -6.68 -24.14
CA HIS C 123 10.59 -6.99 -23.78
C HIS C 123 9.72 -5.76 -23.99
N THR C 124 8.49 -5.98 -24.43
CA THR C 124 7.50 -4.93 -24.63
C THR C 124 6.27 -5.26 -23.81
N ILE C 125 5.90 -4.35 -22.91
CA ILE C 125 4.65 -4.47 -22.16
C ILE C 125 3.57 -3.80 -23.00
N ARG C 126 2.66 -4.59 -23.56
CA ARG C 126 1.68 -4.08 -24.51
C ARG C 126 0.33 -3.85 -23.84
N GLU C 127 -0.43 -2.92 -24.42
CA GLU C 127 -1.82 -2.66 -24.04
C GLU C 127 -1.93 -2.38 -22.54
N THR C 128 -1.04 -1.52 -22.05
CA THR C 128 -1.19 -1.05 -20.69
C THR C 128 -2.41 -0.15 -20.60
N PRO C 129 -2.93 0.03 -19.40
CA PRO C 129 -3.95 1.04 -19.20
C PRO C 129 -3.39 2.41 -19.64
N PRO C 130 -4.22 3.26 -20.24
CA PRO C 130 -3.68 4.51 -20.78
C PRO C 130 -2.99 5.33 -19.70
N ASN C 131 -1.79 5.80 -20.02
CA ASN C 131 -0.95 6.52 -19.08
C ASN C 131 -0.45 7.80 -19.75
N PRO C 132 -1.35 8.76 -20.00
CA PRO C 132 -0.96 9.98 -20.74
C PRO C 132 0.07 10.84 -20.03
N ALA C 133 0.22 10.72 -18.71
CA ALA C 133 1.26 11.44 -17.99
C ALA C 133 2.63 10.77 -18.07
N GLY C 134 2.72 9.55 -18.60
CA GLY C 134 3.98 8.85 -18.59
C GLY C 134 4.48 8.57 -17.20
N LEU C 135 3.58 8.32 -16.27
CA LEU C 135 3.98 8.07 -14.89
C LEU C 135 4.63 6.70 -14.78
N CYS C 136 5.89 6.67 -14.35
CA CYS C 136 6.58 5.42 -14.07
C CYS C 136 7.82 5.74 -13.26
N ALA C 137 8.45 4.68 -12.75
CA ALA C 137 9.69 4.80 -12.03
C ALA C 137 10.56 3.58 -12.35
N LEU C 138 11.87 3.80 -12.36
CA LEU C 138 12.84 2.77 -12.67
C LEU C 138 13.94 2.79 -11.61
N SER C 139 14.17 1.65 -11.00
CA SER C 139 15.20 1.55 -9.96
C SER C 139 16.57 1.89 -10.53
N ILE C 140 17.40 2.55 -9.73
CA ILE C 140 18.76 2.89 -10.18
C ILE C 140 19.74 1.81 -9.75
N ASN C 141 19.23 0.71 -9.19
CA ASN C 141 20.02 -0.33 -8.54
C ASN C 141 20.06 -1.60 -9.39
N ASN C 142 21.26 -2.16 -9.57
CA ASN C 142 21.43 -3.31 -10.44
C ASN C 142 20.80 -4.57 -9.85
N ASP C 143 20.92 -4.77 -8.54
CA ASP C 143 20.45 -6.01 -7.93
C ASP C 143 18.93 -6.04 -7.77
N ASN C 144 18.28 -4.88 -7.70
CA ASN C 144 16.83 -4.79 -7.56
C ASN C 144 16.35 -3.86 -8.68
N CYS C 145 16.26 -4.42 -9.88
CA CYS C 145 16.14 -3.61 -11.09
C CYS C 145 14.68 -3.62 -11.57
N TYR C 146 13.84 -2.94 -10.81
CA TYR C 146 12.41 -3.00 -11.04
C TYR C 146 11.89 -1.75 -11.74
N LEU C 147 10.81 -1.94 -12.49
CA LEU C 147 10.06 -0.88 -13.14
C LEU C 147 8.67 -0.85 -12.49
N ALA C 148 8.19 0.35 -12.16
CA ALA C 148 6.85 0.52 -11.60
C ALA C 148 6.02 1.41 -12.52
N TYR C 149 4.79 0.99 -12.77
CA TYR C 149 3.89 1.77 -13.62
C TYR C 149 2.46 1.48 -13.22
N PRO C 150 1.50 2.31 -13.64
CA PRO C 150 0.11 2.11 -13.22
C PRO C 150 -0.53 0.87 -13.84
N GLY C 151 -1.13 0.03 -13.00
CA GLY C 151 -1.79 -1.17 -13.47
C GLY C 151 -3.24 -1.00 -13.82
N SER C 152 -3.78 0.19 -13.59
CA SER C 152 -5.17 0.51 -13.89
C SER C 152 -5.24 2.02 -14.10
N ALA C 153 -6.14 2.46 -14.97
CA ALA C 153 -6.29 3.90 -15.18
C ALA C 153 -7.28 4.53 -14.21
N THR C 154 -8.04 3.73 -13.47
CA THR C 154 -9.02 4.24 -12.52
C THR C 154 -8.74 3.85 -11.07
N ILE C 155 -7.82 2.92 -10.83
CA ILE C 155 -7.46 2.46 -9.50
C ILE C 155 -5.96 2.60 -9.34
N GLY C 156 -5.53 2.97 -8.12
CA GLY C 156 -4.13 3.20 -7.89
C GLY C 156 -3.35 1.91 -7.67
N GLU C 157 -3.44 0.99 -8.63
CA GLU C 157 -2.65 -0.24 -8.61
C GLU C 157 -1.29 0.00 -9.25
N VAL C 158 -0.24 -0.47 -8.59
CA VAL C 158 1.13 -0.39 -9.10
C VAL C 158 1.54 -1.76 -9.63
N GLN C 159 1.84 -1.84 -10.91
CA GLN C 159 2.49 -3.01 -11.47
C GLN C 159 3.99 -2.87 -11.26
N VAL C 160 4.62 -3.93 -10.76
CA VAL C 160 6.05 -3.94 -10.47
C VAL C 160 6.65 -5.03 -11.34
N PHE C 161 7.55 -4.65 -12.23
CA PHE C 161 8.07 -5.54 -13.27
C PHE C 161 9.58 -5.64 -13.16
N ASP C 162 10.08 -6.88 -13.13
CA ASP C 162 11.49 -7.19 -13.06
C ASP C 162 12.10 -7.04 -14.45
N THR C 163 12.88 -5.98 -14.66
CA THR C 163 13.41 -5.68 -16.00
C THR C 163 14.63 -6.53 -16.38
N ILE C 164 15.12 -7.37 -15.47
CA ILE C 164 16.22 -8.28 -15.76
C ILE C 164 15.68 -9.68 -16.11
N ASN C 165 14.82 -10.24 -15.27
CA ASN C 165 14.22 -11.53 -15.54
C ASN C 165 12.95 -11.42 -16.38
N LEU C 166 12.51 -10.19 -16.68
CA LEU C 166 11.42 -9.93 -17.61
C LEU C 166 10.14 -10.65 -17.16
N ARG C 167 9.72 -10.33 -15.95
CA ARG C 167 8.55 -10.97 -15.40
C ARG C 167 7.89 -10.05 -14.39
N ALA C 168 6.56 -10.06 -14.37
CA ALA C 168 5.82 -9.29 -13.38
C ALA C 168 6.14 -9.84 -12.00
N ALA C 169 6.59 -8.96 -11.12
CA ALA C 169 7.00 -9.40 -9.80
C ALA C 169 5.89 -9.26 -8.79
N ASN C 170 4.91 -8.40 -9.03
CA ASN C 170 3.92 -8.11 -8.01
C ASN C 170 2.96 -7.05 -8.53
N MET C 171 1.79 -7.01 -7.91
CA MET C 171 0.85 -5.89 -8.03
C MET C 171 0.55 -5.38 -6.63
N ILE C 172 0.79 -4.10 -6.43
CA ILE C 172 0.61 -3.44 -5.15
C ILE C 172 -0.66 -2.60 -5.22
N PRO C 173 -1.68 -2.90 -4.44
CA PRO C 173 -2.89 -2.05 -4.41
C PRO C 173 -2.68 -0.84 -3.50
N ALA C 174 -1.91 0.13 -4.02
CA ALA C 174 -1.38 1.19 -3.18
C ALA C 174 -2.47 2.18 -2.77
N HIS C 175 -3.36 2.51 -3.71
CA HIS C 175 -4.44 3.47 -3.48
C HIS C 175 -5.65 3.06 -4.31
N ASP C 176 -6.84 3.48 -3.86
CA ASP C 176 -8.01 3.41 -4.72
C ASP C 176 -7.99 4.52 -5.77
N SER C 177 -7.66 5.73 -5.36
CA SER C 177 -7.50 6.85 -6.29
C SER C 177 -6.36 6.53 -7.25
N PRO C 178 -6.46 6.98 -8.50
CA PRO C 178 -5.37 6.74 -9.45
C PRO C 178 -4.02 7.29 -8.98
N LEU C 179 -2.96 6.63 -9.42
CA LEU C 179 -1.62 7.03 -9.03
C LEU C 179 -1.30 8.42 -9.57
N ALA C 180 -0.58 9.20 -8.76
CA ALA C 180 -0.08 10.51 -9.17
C ALA C 180 1.44 10.60 -9.17
N ALA C 181 2.14 9.81 -8.35
CA ALA C 181 3.59 9.90 -8.28
C ALA C 181 4.14 8.59 -7.73
N LEU C 182 5.36 8.28 -8.17
CA LEU C 182 6.08 7.05 -7.85
C LEU C 182 7.55 7.38 -7.73
N ALA C 183 8.24 6.75 -6.77
CA ALA C 183 9.70 6.85 -6.68
C ALA C 183 10.29 5.63 -5.99
N PHE C 184 11.36 5.06 -6.56
CA PHE C 184 12.13 4.05 -5.85
C PHE C 184 13.21 4.74 -5.02
N ASP C 185 13.58 4.12 -3.90
CA ASP C 185 14.80 4.53 -3.21
C ASP C 185 16.02 4.02 -3.98
N ALA C 186 17.21 4.41 -3.52
CA ALA C 186 18.42 4.09 -4.28
C ALA C 186 18.73 2.61 -4.26
N SER C 187 18.23 1.88 -3.26
CA SER C 187 18.48 0.46 -3.16
C SER C 187 17.55 -0.35 -4.04
N GLY C 188 16.46 0.24 -4.52
CA GLY C 188 15.48 -0.48 -5.29
C GLY C 188 14.59 -1.39 -4.47
N THR C 189 14.67 -1.34 -3.16
CA THR C 189 13.85 -2.19 -2.29
C THR C 189 12.70 -1.43 -1.63
N LYS C 190 12.53 -0.14 -1.93
CA LYS C 190 11.41 0.63 -1.39
C LYS C 190 10.81 1.45 -2.51
N LEU C 191 9.49 1.58 -2.47
CA LEU C 191 8.74 2.35 -3.46
C LEU C 191 7.77 3.26 -2.74
N ALA C 192 7.89 4.56 -2.98
CA ALA C 192 6.95 5.54 -2.48
C ALA C 192 5.87 5.78 -3.52
N THR C 193 4.63 5.97 -3.03
CA THR C 193 3.47 6.12 -3.89
C THR C 193 2.58 7.23 -3.37
N ALA C 194 1.82 7.84 -4.28
CA ALA C 194 0.83 8.84 -3.94
C ALA C 194 -0.25 8.84 -5.02
N SER C 195 -1.47 9.16 -4.62
CA SER C 195 -2.62 9.17 -5.51
C SER C 195 -3.04 10.59 -5.85
N GLU C 196 -3.99 10.69 -6.79
CA GLU C 196 -4.58 11.98 -7.10
C GLU C 196 -5.30 12.58 -5.91
N LYS C 197 -5.89 11.76 -5.05
CA LYS C 197 -6.54 12.26 -3.84
C LYS C 197 -5.52 12.90 -2.92
N GLY C 198 -4.35 12.27 -2.77
CA GLY C 198 -3.24 12.92 -2.11
C GLY C 198 -3.33 12.96 -0.60
N THR C 199 -4.09 12.06 0.00
CA THR C 199 -4.25 12.10 1.45
C THR C 199 -3.05 11.49 2.18
N VAL C 200 -2.54 10.36 1.70
CA VAL C 200 -1.43 9.67 2.35
C VAL C 200 -0.35 9.39 1.32
N ILE C 201 0.90 9.46 1.78
CA ILE C 201 2.05 8.98 1.02
C ILE C 201 2.46 7.66 1.63
N ARG C 202 2.60 6.63 0.78
CA ARG C 202 2.90 5.30 1.26
C ARG C 202 4.26 4.87 0.77
N VAL C 203 4.89 3.98 1.54
CA VAL C 203 6.15 3.36 1.15
C VAL C 203 5.96 1.87 1.26
N PHE C 204 6.29 1.14 0.19
CA PHE C 204 6.14 -0.29 0.12
C PHE C 204 7.50 -0.94 -0.04
N SER C 205 7.66 -2.12 0.53
CA SER C 205 8.82 -2.93 0.21
C SER C 205 8.71 -3.47 -1.22
N ILE C 206 9.86 -3.72 -1.83
CA ILE C 206 9.94 -4.17 -3.22
C ILE C 206 10.89 -5.36 -3.21
N PRO C 207 10.50 -6.53 -3.75
CA PRO C 207 9.25 -6.80 -4.49
C PRO C 207 8.09 -7.28 -3.64
N GLU C 208 8.25 -7.38 -2.32
CA GLU C 208 7.26 -8.08 -1.52
C GLU C 208 5.94 -7.32 -1.42
N GLY C 209 5.98 -5.99 -1.49
CA GLY C 209 4.76 -5.20 -1.47
C GLY C 209 4.13 -5.01 -0.10
N GLN C 210 4.90 -5.17 0.97
CA GLN C 210 4.41 -4.88 2.31
C GLN C 210 4.45 -3.37 2.57
N LYS C 211 3.39 -2.83 3.18
CA LYS C 211 3.41 -1.42 3.50
C LYS C 211 4.34 -1.17 4.68
N LEU C 212 5.40 -0.40 4.45
CA LEU C 212 6.39 -0.09 5.48
C LEU C 212 6.10 1.21 6.21
N PHE C 213 5.58 2.20 5.50
CA PHE C 213 5.34 3.53 6.08
C PHE C 213 4.07 4.10 5.46
N GLU C 214 3.39 4.94 6.24
CA GLU C 214 2.28 5.73 5.74
C GLU C 214 2.36 7.12 6.37
N PHE C 215 2.46 8.14 5.54
CA PHE C 215 2.60 9.51 6.01
C PHE C 215 1.37 10.31 5.63
N ARG C 216 0.88 11.11 6.56
CA ARG C 216 -0.24 12.00 6.31
C ARG C 216 0.30 13.31 5.74
N ARG C 217 -0.27 13.76 4.62
CA ARG C 217 0.24 14.93 3.92
C ARG C 217 -0.40 16.25 4.28
N GLY C 218 -0.52 16.56 5.53
CA GLY C 218 -1.02 17.86 5.89
C GLY C 218 -2.52 18.13 5.76
N VAL C 219 -2.91 19.39 5.70
CA VAL C 219 -4.32 19.75 5.67
C VAL C 219 -5.10 19.09 4.57
N LYS C 220 -6.39 18.91 4.77
CA LYS C 220 -7.18 18.19 3.79
C LYS C 220 -7.59 19.08 2.64
N ARG C 221 -6.61 19.63 1.94
CA ARG C 221 -6.88 20.45 0.80
C ARG C 221 -6.79 19.64 -0.46
N CYS C 222 -7.44 20.07 -1.53
CA CYS C 222 -7.31 19.39 -2.79
C CYS C 222 -5.90 19.60 -3.32
N VAL C 223 -5.15 18.52 -3.49
CA VAL C 223 -3.77 18.60 -3.96
C VAL C 223 -3.41 17.60 -5.02
N SER C 224 -2.54 17.98 -5.95
CA SER C 224 -2.04 17.09 -6.99
C SER C 224 -0.53 16.92 -6.77
N ILE C 225 -0.17 15.83 -6.11
CA ILE C 225 1.23 15.55 -5.85
C ILE C 225 1.92 15.26 -7.17
N CYS C 226 3.09 15.86 -7.38
CA CYS C 226 3.80 15.69 -8.64
C CYS C 226 5.19 15.09 -8.50
N SER C 227 5.81 15.15 -7.32
CA SER C 227 7.19 14.70 -7.16
C SER C 227 7.36 14.04 -5.80
N LEU C 228 7.87 12.81 -5.82
CA LEU C 228 8.34 12.09 -4.64
C LEU C 228 9.83 11.82 -4.82
N ALA C 229 10.60 11.95 -3.74
CA ALA C 229 12.04 11.72 -3.86
C ALA C 229 12.66 11.29 -2.54
N PHE C 230 13.52 10.30 -2.62
CA PHE C 230 14.27 9.81 -1.47
C PHE C 230 15.66 10.44 -1.42
N SER C 231 16.13 10.67 -0.19
CA SER C 231 17.55 10.89 -0.01
C SER C 231 18.31 9.62 -0.40
N MET C 232 19.58 9.81 -0.76
CA MET C 232 20.37 8.67 -1.24
C MET C 232 20.51 7.59 -0.16
N ASP C 233 20.49 7.96 1.11
CA ASP C 233 20.54 6.95 2.17
C ASP C 233 19.17 6.39 2.54
N GLY C 234 18.10 6.78 1.86
CA GLY C 234 16.78 6.24 2.12
C GLY C 234 16.10 6.69 3.40
N MET C 235 16.72 7.60 4.17
CA MET C 235 16.15 8.00 5.44
CA MET C 235 16.16 8.00 5.44
C MET C 235 15.08 9.07 5.31
N PHE C 236 15.09 9.85 4.23
CA PHE C 236 14.17 10.96 4.06
C PHE C 236 13.43 10.83 2.74
N LEU C 237 12.18 11.29 2.74
CA LEU C 237 11.31 11.22 1.57
C LEU C 237 10.58 12.54 1.44
N SER C 238 10.76 13.22 0.30
CA SER C 238 10.04 14.46 0.05
C SER C 238 8.86 14.23 -0.88
N ALA C 239 7.82 15.04 -0.69
CA ALA C 239 6.63 15.03 -1.52
C ALA C 239 6.23 16.47 -1.81
N SER C 240 6.15 16.82 -3.09
CA SER C 240 5.74 18.16 -3.50
C SER C 240 4.54 18.04 -4.42
N SER C 241 3.94 19.19 -4.71
CA SER C 241 2.67 19.17 -5.44
C SER C 241 2.50 20.50 -6.17
N ASN C 242 1.26 20.75 -6.61
CA ASN C 242 0.88 22.05 -7.13
C ASN C 242 0.66 23.07 -6.03
N THR C 243 0.99 22.73 -4.79
CA THR C 243 0.80 23.57 -3.62
C THR C 243 2.13 24.27 -3.29
N GLU C 244 2.07 25.25 -2.39
CA GLU C 244 3.27 25.95 -1.97
C GLU C 244 4.13 25.15 -0.99
N THR C 245 3.65 24.01 -0.50
CA THR C 245 4.27 23.30 0.60
C THR C 245 4.90 22.02 0.08
N VAL C 246 6.17 21.80 0.45
CA VAL C 246 6.82 20.51 0.28
C VAL C 246 6.98 19.89 1.65
N HIS C 247 6.57 18.64 1.78
CA HIS C 247 6.69 17.88 3.03
C HIS C 247 7.88 16.94 2.92
N ILE C 248 8.66 16.84 3.99
CA ILE C 248 9.78 15.90 4.08
C ILE C 248 9.50 14.96 5.23
N PHE C 249 9.45 13.66 4.94
CA PHE C 249 9.19 12.63 5.93
C PHE C 249 10.47 11.88 6.26
N LYS C 250 10.57 11.39 7.49
CA LYS C 250 11.74 10.63 7.91
C LYS C 250 11.32 9.19 8.17
N LEU C 251 12.03 8.25 7.56
CA LEU C 251 11.67 6.83 7.66
C LEU C 251 12.33 6.18 8.88
N GLU C 252 11.85 6.61 10.04
CA GLU C 252 12.37 6.08 11.30
C GLU C 252 11.20 5.47 12.06
N THR C 253 11.41 4.31 12.67
CA THR C 253 10.32 3.60 13.36
C THR C 253 10.14 3.94 14.83
N VAL C 254 10.91 4.88 15.33
CA VAL C 254 10.86 5.20 16.74
C VAL C 254 10.45 6.62 17.01
N LYS C 255 9.63 7.19 16.14
CA LYS C 255 9.28 8.59 16.31
C LYS C 255 7.78 8.76 16.41
N GLU C 256 7.28 9.97 16.19
CA GLU C 256 5.83 10.12 16.12
C GLU C 256 5.43 9.74 14.70
N GLN C 257 5.18 8.44 14.54
CA GLN C 257 4.97 7.80 13.24
C GLN C 257 3.87 8.46 12.42
N GLY C 258 4.18 8.70 11.15
CA GLY C 258 3.23 9.18 10.18
C GLY C 258 3.27 10.68 9.92
N ARG C 259 3.89 11.45 10.81
CA ARG C 259 3.91 12.91 10.70
C ARG C 259 5.12 13.37 9.90
N ALA C 260 4.99 14.53 9.27
CA ALA C 260 6.11 15.14 8.56
C ALA C 260 7.21 15.52 9.54
N PHE C 261 8.45 15.45 9.06
CA PHE C 261 9.61 15.79 9.85
C PHE C 261 10.13 17.18 9.56
N ALA C 262 10.02 17.64 8.32
CA ALA C 262 10.36 19.00 7.95
C ALA C 262 9.40 19.46 6.85
N THR C 263 9.39 20.77 6.61
CA THR C 263 8.54 21.37 5.61
C THR C 263 9.29 22.49 4.92
N VAL C 264 8.88 22.78 3.69
CA VAL C 264 9.37 23.91 2.92
C VAL C 264 8.16 24.68 2.39
N ARG C 265 8.27 26.01 2.34
CA ARG C 265 7.24 26.84 1.74
C ARG C 265 7.83 27.45 0.48
N LEU C 266 7.27 27.11 -0.65
CA LEU C 266 7.79 27.58 -1.92
C LEU C 266 7.30 29.01 -2.15
N PRO C 267 8.10 29.85 -2.79
CA PRO C 267 7.60 31.18 -3.18
C PRO C 267 6.77 31.17 -4.45
N PHE C 268 6.64 30.02 -5.11
CA PHE C 268 5.94 29.91 -6.38
C PHE C 268 5.14 28.62 -6.38
N CYS C 269 3.81 28.75 -6.35
CA CYS C 269 2.90 27.61 -6.35
C CYS C 269 2.12 27.59 -7.66
N GLY C 270 1.25 26.57 -7.79
CA GLY C 270 0.33 26.49 -8.90
C GLY C 270 0.83 25.81 -10.14
N HIS C 271 2.04 25.25 -10.12
CA HIS C 271 2.56 24.53 -11.27
C HIS C 271 3.36 23.32 -10.80
N LYS C 272 3.55 22.38 -11.73
CA LYS C 272 4.32 21.19 -11.42
C LYS C 272 5.76 21.58 -11.13
N ASN C 273 6.42 20.74 -10.34
CA ASN C 273 7.83 20.95 -10.01
C ASN C 273 8.46 19.57 -9.83
N ILE C 274 9.78 19.58 -9.70
CA ILE C 274 10.55 18.36 -9.48
C ILE C 274 11.44 18.61 -8.27
N CYS C 275 11.45 17.67 -7.34
CA CYS C 275 12.20 17.80 -6.11
CA CYS C 275 12.20 17.81 -6.11
C CYS C 275 13.23 16.69 -5.99
N SER C 276 14.26 16.97 -5.21
CA SER C 276 15.25 15.95 -4.90
C SER C 276 15.92 16.33 -3.60
N LEU C 277 16.48 15.32 -2.96
CA LEU C 277 17.16 15.43 -1.67
C LEU C 277 18.61 15.07 -1.91
N ALA C 278 19.51 16.05 -1.72
CA ALA C 278 20.92 15.86 -2.05
C ALA C 278 21.77 16.49 -0.97
N THR C 279 22.82 15.79 -0.57
CA THR C 279 23.82 16.32 0.34
C THR C 279 24.86 17.05 -0.49
N ILE C 280 24.96 18.35 -0.28
CA ILE C 280 25.84 19.21 -1.07
C ILE C 280 26.71 19.98 -0.09
N GLN C 281 28.02 19.83 -0.24
CA GLN C 281 28.95 20.49 0.67
C GLN C 281 28.63 20.10 2.11
N LYS C 282 28.46 18.79 2.32
CA LYS C 282 28.29 18.16 3.62
C LYS C 282 27.02 18.58 4.33
N ILE C 283 26.08 19.22 3.65
CA ILE C 283 24.81 19.64 4.24
C ILE C 283 23.68 19.05 3.41
N PRO C 284 22.72 18.35 4.02
CA PRO C 284 21.59 17.84 3.23
C PRO C 284 20.71 18.99 2.77
N ARG C 285 20.33 18.94 1.49
CA ARG C 285 19.52 19.98 0.90
C ARG C 285 18.26 19.39 0.29
N LEU C 286 17.21 20.21 0.23
CA LEU C 286 16.10 19.98 -0.67
C LEU C 286 16.27 20.89 -1.89
N LEU C 287 16.26 20.28 -3.07
CA LEU C 287 16.32 21.00 -4.34
C LEU C 287 14.94 20.94 -4.99
N VAL C 288 14.49 22.08 -5.52
CA VAL C 288 13.17 22.18 -6.16
C VAL C 288 13.38 22.90 -7.50
N GLY C 289 13.15 22.18 -8.59
CA GLY C 289 13.08 22.79 -9.90
C GLY C 289 11.64 23.11 -10.24
N ALA C 290 11.34 24.37 -10.52
CA ALA C 290 9.98 24.87 -10.63
C ALA C 290 9.70 25.46 -12.00
N ALA C 291 8.42 25.62 -12.29
CA ALA C 291 7.95 26.07 -13.60
C ALA C 291 8.14 27.56 -13.82
N ASP C 292 8.56 28.31 -12.80
CA ASP C 292 8.88 29.72 -12.97
C ASP C 292 10.30 29.95 -13.46
N GLY C 293 11.01 28.89 -13.81
CA GLY C 293 12.35 29.04 -14.36
C GLY C 293 13.47 29.00 -13.35
N TYR C 294 13.19 28.65 -12.10
CA TYR C 294 14.17 28.71 -11.03
C TYR C 294 14.41 27.35 -10.38
N LEU C 295 15.64 27.14 -9.93
CA LEU C 295 15.99 26.09 -8.99
C LEU C 295 16.08 26.73 -7.60
N TYR C 296 15.35 26.17 -6.64
CA TYR C 296 15.40 26.63 -5.26
C TYR C 296 16.14 25.60 -4.42
N MET C 297 16.88 26.09 -3.43
CA MET C 297 17.73 25.24 -2.62
C MET C 297 17.47 25.53 -1.15
N TYR C 298 17.00 24.52 -0.42
CA TYR C 298 16.71 24.63 1.00
C TYR C 298 17.62 23.72 1.82
N ASN C 299 17.90 24.15 3.04
CA ASN C 299 18.69 23.38 3.98
C ASN C 299 17.77 22.53 4.86
N LEU C 300 18.11 21.25 4.99
CA LEU C 300 17.44 20.33 5.88
C LEU C 300 18.34 20.03 7.08
N ASP C 301 17.80 20.16 8.28
CA ASP C 301 18.52 19.71 9.48
C ASP C 301 18.12 18.26 9.73
N PRO C 302 19.03 17.29 9.59
CA PRO C 302 18.61 15.88 9.64
C PRO C 302 18.20 15.41 11.02
N GLN C 303 18.42 16.19 12.06
CA GLN C 303 18.09 15.77 13.43
C GLN C 303 16.84 16.43 13.96
N GLU C 304 16.66 17.73 13.72
CA GLU C 304 15.57 18.48 14.31
C GLU C 304 14.44 18.80 13.34
N GLY C 305 14.69 18.76 12.05
CA GLY C 305 13.63 19.01 11.10
C GLY C 305 13.05 20.40 11.25
N GLY C 306 11.72 20.48 11.21
CA GLY C 306 11.05 21.76 11.21
C GLY C 306 11.12 22.46 9.86
N GLU C 307 10.83 23.75 9.88
CA GLU C 307 10.78 24.53 8.65
C GLU C 307 12.19 24.74 8.10
N CYS C 308 12.31 24.61 6.78
CA CYS C 308 13.60 24.70 6.10
C CYS C 308 13.73 26.06 5.44
N ALA C 309 14.87 26.72 5.68
CA ALA C 309 15.11 28.04 5.12
C ALA C 309 15.58 27.95 3.66
N LEU C 310 15.09 28.87 2.83
CA LEU C 310 15.59 29.02 1.47
C LEU C 310 16.98 29.63 1.51
N MET C 311 17.99 28.88 1.03
CA MET C 311 19.36 29.35 0.99
C MET C 311 19.71 30.01 -0.34
N LYS C 312 19.45 29.32 -1.45
CA LYS C 312 19.88 29.80 -2.76
C LYS C 312 18.78 29.59 -3.78
N GLN C 313 18.87 30.36 -4.86
CA GLN C 313 17.87 30.38 -5.91
C GLN C 313 18.58 30.69 -7.23
N HIS C 314 18.45 29.78 -8.20
CA HIS C 314 19.23 29.85 -9.43
C HIS C 314 18.33 29.73 -10.65
N ARG C 315 18.71 30.44 -11.72
CA ARG C 315 17.96 30.39 -12.96
C ARG C 315 18.28 29.11 -13.73
N LEU C 316 17.23 28.40 -14.15
CA LEU C 316 17.40 27.14 -14.86
C LEU C 316 17.96 27.36 -16.25
N ASP C 317 17.73 28.53 -16.85
CA ASP C 317 18.27 28.81 -18.17
C ASP C 317 19.77 29.16 -18.13
N GLY C 318 20.35 29.27 -16.93
CA GLY C 318 21.76 29.54 -16.80
C GLY C 318 22.12 31.00 -16.68
N SER C 319 21.15 31.90 -16.84
CA SER C 319 21.43 33.32 -16.69
C SER C 319 21.89 33.61 -15.27
N LEU C 320 23.03 34.30 -15.15
CA LEU C 320 23.66 34.53 -13.87
C LEU C 320 23.12 35.77 -13.19
N GLU C 321 21.84 36.09 -13.42
CA GLU C 321 21.15 37.25 -12.85
C GLU C 321 21.76 37.78 -11.56
N MET D 7 51.48 10.48 36.51
CA MET D 7 50.15 10.36 37.06
C MET D 7 49.21 9.69 36.05
N ASN D 8 48.33 8.82 36.56
CA ASN D 8 47.44 8.07 35.67
C ASN D 8 46.47 8.98 34.93
N GLU D 9 46.13 10.14 35.50
CA GLU D 9 45.23 11.05 34.82
C GLU D 9 45.88 11.67 33.58
N ALA D 10 47.20 11.82 33.58
CA ALA D 10 47.89 12.26 32.38
C ALA D 10 47.84 11.18 31.30
N LYS D 11 47.98 9.92 31.70
CA LYS D 11 47.84 8.83 30.74
C LYS D 11 46.48 8.87 30.06
N ILE D 12 45.41 9.10 30.84
CA ILE D 12 44.09 9.28 30.25
C ILE D 12 44.12 10.41 29.25
N ALA D 13 44.62 11.59 29.66
CA ALA D 13 44.66 12.74 28.77
C ALA D 13 45.49 12.48 27.53
N GLU D 14 46.58 11.71 27.65
CA GLU D 14 47.31 11.28 26.47
C GLU D 14 46.44 10.38 25.61
N CYS D 15 45.86 9.35 26.22
CA CYS D 15 45.00 8.43 25.50
C CYS D 15 43.89 9.18 24.76
N LEU D 16 43.24 10.13 25.45
CA LEU D 16 42.14 10.85 24.84
C LEU D 16 42.63 11.78 23.74
N GLN D 17 43.81 12.36 23.90
CA GLN D 17 44.45 13.08 22.81
C GLN D 17 44.62 12.18 21.60
N THR D 18 45.21 11.01 21.82
CA THR D 18 45.47 10.11 20.71
C THR D 18 44.17 9.70 20.02
N ILE D 19 43.16 9.32 20.81
CA ILE D 19 41.88 8.91 20.23
C ILE D 19 41.37 9.99 19.29
N SER D 20 41.35 11.24 19.76
CA SER D 20 40.86 12.32 18.91
CA SER D 20 40.86 12.32 18.91
C SER D 20 41.67 12.41 17.61
N ASP D 21 42.98 12.19 17.69
CA ASP D 21 43.80 12.20 16.49
C ASP D 21 43.41 11.07 15.54
N LEU D 22 43.33 9.85 16.05
CA LEU D 22 42.95 8.72 15.23
C LEU D 22 41.54 8.89 14.68
N GLU D 23 40.63 9.42 15.49
CA GLU D 23 39.28 9.64 14.98
C GLU D 23 39.29 10.62 13.81
N THR D 24 40.12 11.65 13.90
CA THR D 24 40.22 12.60 12.80
C THR D 24 40.86 11.92 11.58
N GLU D 25 41.96 11.20 11.79
CA GLU D 25 42.59 10.50 10.67
C GLU D 25 41.60 9.54 10.02
N CYS D 26 40.89 8.78 10.86
CA CYS D 26 39.95 7.78 10.34
C CYS D 26 38.86 8.43 9.50
N LEU D 27 38.32 9.57 9.97
CA LEU D 27 37.31 10.26 9.18
C LEU D 27 37.90 10.79 7.87
N ASP D 28 39.13 11.29 7.91
CA ASP D 28 39.80 11.73 6.69
C ASP D 28 39.90 10.59 5.69
N LEU D 29 40.24 9.39 6.17
CA LEU D 29 40.39 8.25 5.28
C LEU D 29 39.05 7.81 4.71
N ARG D 30 37.99 7.85 5.50
CA ARG D 30 36.70 7.45 5.00
C ARG D 30 36.24 8.38 3.88
N THR D 31 36.48 9.66 4.04
CA THR D 31 36.12 10.63 3.00
C THR D 31 36.95 10.40 1.74
N LYS D 32 38.25 10.18 1.89
CA LYS D 32 39.09 9.85 0.74
C LYS D 32 38.56 8.63 0.01
N LEU D 33 38.17 7.59 0.75
CA LEU D 33 37.69 6.37 0.12
C LEU D 33 36.34 6.59 -0.56
N CYS D 34 35.45 7.32 0.10
CA CYS D 34 34.17 7.63 -0.53
CA CYS D 34 34.17 7.62 -0.53
C CYS D 34 34.37 8.44 -1.80
N ASP D 35 35.30 9.40 -1.78
CA ASP D 35 35.56 10.19 -2.96
C ASP D 35 36.13 9.31 -4.08
N LEU D 36 37.02 8.39 -3.74
CA LEU D 36 37.62 7.54 -4.76
C LEU D 36 36.60 6.53 -5.30
N GLU D 37 35.74 6.00 -4.41
CA GLU D 37 34.68 5.12 -4.86
C GLU D 37 33.81 5.83 -5.89
N ARG D 38 33.49 7.10 -5.64
CA ARG D 38 32.70 7.87 -6.60
C ARG D 38 33.47 8.08 -7.91
N ALA D 39 34.75 8.45 -7.82
CA ALA D 39 35.52 8.65 -9.04
C ALA D 39 35.60 7.36 -9.84
N ASN D 40 35.77 6.24 -9.15
CA ASN D 40 35.86 4.98 -9.83
C ASN D 40 34.52 4.62 -10.49
N GLN D 41 33.42 4.86 -9.80
CA GLN D 41 32.13 4.55 -10.40
C GLN D 41 31.90 5.39 -11.65
N THR D 42 32.26 6.67 -11.58
CA THR D 42 32.13 7.53 -12.75
C THR D 42 32.98 7.05 -13.91
N LEU D 43 34.21 6.61 -13.62
CA LEU D 43 35.08 6.12 -14.68
C LEU D 43 34.53 4.84 -15.29
N LYS D 44 33.98 3.94 -14.47
CA LYS D 44 33.33 2.75 -14.99
C LYS D 44 32.20 3.11 -15.94
N ASP D 45 31.33 4.04 -15.51
CA ASP D 45 30.22 4.47 -16.36
C ASP D 45 30.73 5.10 -17.65
N GLU D 46 31.81 5.87 -17.59
CA GLU D 46 32.35 6.49 -18.79
C GLU D 46 32.95 5.44 -19.70
N TYR D 47 33.63 4.47 -19.14
CA TYR D 47 34.13 3.35 -19.94
C TYR D 47 32.98 2.66 -20.66
N ASP D 48 31.89 2.37 -19.95
CA ASP D 48 30.75 1.74 -20.60
C ASP D 48 30.16 2.62 -21.68
N ALA D 49 30.08 3.93 -21.45
CA ALA D 49 29.56 4.80 -22.50
C ALA D 49 30.47 4.78 -23.72
N LEU D 50 31.79 4.80 -23.49
CA LEU D 50 32.75 4.74 -24.60
C LEU D 50 32.62 3.42 -25.37
N GLN D 51 32.50 2.30 -24.66
CA GLN D 51 32.40 1.01 -25.34
C GLN D 51 31.16 0.95 -26.24
N ILE D 52 30.01 1.38 -25.72
CA ILE D 52 28.80 1.38 -26.55
C ILE D 52 29.00 2.27 -27.76
N THR D 53 29.67 3.40 -27.59
CA THR D 53 29.92 4.31 -28.70
C THR D 53 30.96 3.74 -29.67
N PHE D 54 31.97 3.05 -29.14
CA PHE D 54 32.97 2.38 -29.98
C PHE D 54 32.30 1.37 -30.89
N THR D 55 31.45 0.51 -30.34
CA THR D 55 30.73 -0.45 -31.17
C THR D 55 29.93 0.24 -32.27
N ALA D 56 29.26 1.34 -31.93
CA ALA D 56 28.48 2.04 -32.95
C ALA D 56 29.38 2.59 -34.05
N LEU D 57 30.54 3.10 -33.69
CA LEU D 57 31.48 3.55 -34.72
C LEU D 57 31.93 2.36 -35.56
N GLU D 58 32.28 1.24 -34.90
CA GLU D 58 32.63 0.02 -35.63
C GLU D 58 31.61 -0.28 -36.73
N GLY D 59 30.33 -0.34 -36.36
CA GLY D 59 29.30 -0.62 -37.35
C GLY D 59 29.25 0.43 -38.43
N LYS D 60 29.30 1.70 -38.02
CA LYS D 60 29.25 2.79 -38.98
C LYS D 60 30.42 2.71 -39.96
N LEU D 61 31.60 2.28 -39.47
CA LEU D 61 32.71 2.01 -40.38
C LEU D 61 32.40 0.85 -41.31
N ARG D 62 31.78 -0.20 -40.78
CA ARG D 62 31.48 -1.37 -41.60
C ARG D 62 30.54 -1.02 -42.74
N LYS D 63 29.56 -0.14 -42.48
CA LYS D 63 28.65 0.28 -43.53
C LYS D 63 29.36 1.15 -44.57
N THR D 64 30.05 2.19 -44.10
CA THR D 64 30.62 3.17 -45.03
C THR D 64 31.65 2.53 -45.97
N THR D 65 32.39 1.52 -45.50
CA THR D 65 33.29 0.81 -46.40
C THR D 65 32.52 -0.11 -47.35
N GLU D 66 31.39 -0.66 -46.89
CA GLU D 66 30.62 -1.59 -47.72
C GLU D 66 29.88 -0.85 -48.84
N GLU D 67 29.36 0.34 -48.54
CA GLU D 67 28.70 1.18 -49.53
C GLU D 67 29.67 1.89 -50.46
N ASN D 68 30.97 1.76 -50.23
CA ASN D 68 31.95 2.65 -50.84
C ASN D 68 32.90 1.91 -51.77
#